data_7CXT
#
_entry.id   7CXT
#
_cell.length_a   56.328
_cell.length_b   120.148
_cell.length_c   58.591
_cell.angle_alpha   90.000
_cell.angle_beta   105.080
_cell.angle_gamma   90.000
#
_symmetry.space_group_name_H-M   'P 1 21 1'
#
loop_
_entity.id
_entity.type
_entity.pdbx_description
1 polymer 'GDP-L-fucose synthase'
2 non-polymer 'NADPH DIHYDRO-NICOTINAMIDE-ADENINE-DINUCLEOTIDE PHOSPHATE'
3 water water
#
_entity_poly.entity_id   1
_entity_poly.type   'polypeptide(L)'
_entity_poly.pdbx_seq_one_letter_code
;GGMQTNSKIYIAGHKGTAGTALVENLQKRGFNNLVLKTRQELDLVNQQAVAKFFKEEKPEYVFLTAVLPCGAANVAQRAD
FIYENLMIQNNVIHNSFLNNVKKLVFFGSGYMYPENAKNPLKEEYLFQGDLEYGAYSFGAAKIAGAIMCESYNIQYGTNF
ITLVLNNLYGTKANFDFGKSRVLPALLRKFHLAKLLSEGNITQILQDLKMNNFEEAKEYLHNFGISKKSVEIWGTGKVRR
EFIHSDDLADVAIYTMQNIDFKDLIKDRKSKNTHINIGTGIDYSIKEVALMVKNIVGFSGELVFNTSRPDSTMDRLMDCS
KIHSLGWKHKIELKDGIKMMYEWYKTQN
;
_entity_poly.pdbx_strand_id   A,B
#
# COMPACT_ATOMS: atom_id res chain seq x y z
N GLY A 1 14.17 -23.29 -17.39
CA GLY A 1 13.53 -22.37 -18.32
C GLY A 1 12.01 -22.42 -18.23
N GLY A 2 11.46 -21.74 -17.22
CA GLY A 2 10.02 -21.74 -17.03
C GLY A 2 9.52 -22.98 -16.33
N MET A 3 8.19 -23.06 -16.25
CA MET A 3 7.54 -24.18 -15.56
C MET A 3 7.75 -25.47 -16.33
N GLN A 4 8.01 -26.54 -15.58
CA GLN A 4 8.10 -27.90 -16.11
C GLN A 4 6.83 -28.66 -15.78
N THR A 5 6.60 -29.77 -16.50
CA THR A 5 5.34 -30.48 -16.28
C THR A 5 5.24 -31.00 -14.84
N ASN A 6 6.37 -31.30 -14.20
CA ASN A 6 6.41 -31.71 -12.80
C ASN A 6 6.53 -30.56 -11.80
N SER A 7 6.61 -29.31 -12.26
CA SER A 7 6.74 -28.19 -11.33
C SER A 7 5.54 -28.15 -10.38
N LYS A 8 5.83 -27.90 -9.09
CA LYS A 8 4.77 -27.74 -8.10
C LYS A 8 4.21 -26.32 -8.17
N ILE A 9 2.90 -26.22 -8.38
CA ILE A 9 2.23 -24.94 -8.60
C ILE A 9 1.17 -24.74 -7.52
N TYR A 10 1.23 -23.58 -6.86
CA TYR A 10 0.19 -23.13 -5.95
C TYR A 10 -0.64 -22.04 -6.65
N ILE A 11 -1.93 -22.28 -6.80
CA ILE A 11 -2.89 -21.27 -7.25
C ILE A 11 -3.66 -20.81 -6.02
N ALA A 12 -3.31 -19.64 -5.48
CA ALA A 12 -4.02 -19.13 -4.31
C ALA A 12 -5.42 -18.71 -4.72
N GLY A 13 -6.41 -19.00 -3.89
CA GLY A 13 -7.77 -18.61 -4.25
C GLY A 13 -8.35 -19.40 -5.41
N HIS A 14 -8.09 -20.70 -5.47
CA HIS A 14 -8.31 -21.47 -6.69
C HIS A 14 -9.79 -21.69 -7.03
N LYS A 15 -10.72 -21.43 -6.11
CA LYS A 15 -12.14 -21.59 -6.40
C LYS A 15 -12.77 -20.37 -7.07
N GLY A 16 -12.08 -19.23 -7.14
CA GLY A 16 -12.64 -18.04 -7.75
C GLY A 16 -12.61 -18.13 -9.28
N THR A 17 -13.10 -17.06 -9.92
CA THR A 17 -13.20 -17.06 -11.39
C THR A 17 -11.83 -17.23 -12.05
N ALA A 18 -10.86 -16.37 -11.70
CA ALA A 18 -9.52 -16.54 -12.28
C ALA A 18 -8.88 -17.84 -11.83
N GLY A 19 -9.10 -18.24 -10.56
CA GLY A 19 -8.43 -19.41 -10.05
C GLY A 19 -8.89 -20.69 -10.71
N THR A 20 -10.19 -20.79 -10.97
CA THR A 20 -10.71 -21.99 -11.64
C THR A 20 -10.14 -22.13 -13.05
N ALA A 21 -10.08 -21.02 -13.78
CA ALA A 21 -9.56 -21.07 -15.15
C ALA A 21 -8.06 -21.37 -15.15
N LEU A 22 -7.34 -20.92 -14.13
CA LEU A 22 -5.94 -21.26 -14.02
C LEU A 22 -5.74 -22.75 -13.75
N VAL A 23 -6.58 -23.34 -12.91
CA VAL A 23 -6.44 -24.78 -12.65
C VAL A 23 -6.71 -25.56 -13.93
N GLU A 24 -7.83 -25.29 -14.59
CA GLU A 24 -8.19 -26.11 -15.75
C GLU A 24 -7.27 -25.88 -16.93
N ASN A 25 -6.77 -24.66 -17.13
CA ASN A 25 -5.88 -24.45 -18.27
C ASN A 25 -4.47 -24.96 -17.97
N LEU A 26 -4.03 -24.92 -16.72
CA LEU A 26 -2.74 -25.52 -16.41
C LEU A 26 -2.76 -27.02 -16.67
N GLN A 27 -3.82 -27.71 -16.26
CA GLN A 27 -3.77 -29.14 -16.49
C GLN A 27 -4.01 -29.49 -17.96
N LYS A 28 -4.78 -28.68 -18.70
CA LYS A 28 -4.91 -28.90 -20.14
C LYS A 28 -3.57 -28.78 -20.83
N ARG A 29 -2.68 -27.96 -20.30
CA ARG A 29 -1.36 -27.80 -20.87
C ARG A 29 -0.31 -28.73 -20.25
N GLY A 30 -0.70 -29.63 -19.37
CA GLY A 30 0.23 -30.63 -18.88
C GLY A 30 0.86 -30.38 -17.53
N PHE A 31 0.43 -29.33 -16.81
CA PHE A 31 0.92 -28.97 -15.47
C PHE A 31 -0.15 -29.39 -14.47
N ASN A 32 0.01 -30.57 -13.87
CA ASN A 32 -0.96 -31.06 -12.90
C ASN A 32 -0.38 -31.29 -11.51
N ASN A 33 0.86 -30.85 -11.23
CA ASN A 33 1.39 -30.90 -9.87
C ASN A 33 0.95 -29.65 -9.10
N LEU A 34 -0.35 -29.61 -8.79
CA LEU A 34 -0.98 -28.44 -8.20
C LEU A 34 -1.14 -28.61 -6.69
N VAL A 35 -0.95 -27.50 -5.95
CA VAL A 35 -1.30 -27.42 -4.52
C VAL A 35 -2.43 -26.41 -4.38
N LEU A 36 -3.56 -26.85 -3.83
CA LEU A 36 -4.73 -26.03 -3.67
C LEU A 36 -5.22 -26.07 -2.23
N LYS A 37 -5.65 -24.91 -1.70
CA LYS A 37 -6.22 -24.83 -0.36
C LYS A 37 -7.45 -23.93 -0.39
N THR A 38 -8.61 -24.47 -0.02
CA THR A 38 -9.79 -23.64 0.12
C THR A 38 -9.59 -22.62 1.25
N ARG A 39 -10.50 -21.65 1.30
CA ARG A 39 -10.45 -20.66 2.36
C ARG A 39 -10.55 -21.32 3.73
N GLN A 40 -11.40 -22.35 3.84
CA GLN A 40 -11.57 -23.03 5.13
C GLN A 40 -10.33 -23.78 5.54
N GLU A 41 -9.50 -24.23 4.60
CA GLU A 41 -8.29 -24.87 5.10
C GLU A 41 -7.11 -23.92 5.25
N LEU A 42 -7.19 -22.71 4.69
CA LEU A 42 -6.08 -21.76 4.77
C LEU A 42 -6.62 -20.35 4.62
N ASP A 43 -6.63 -19.59 5.70
CA ASP A 43 -7.06 -18.20 5.67
C ASP A 43 -5.84 -17.34 5.33
N LEU A 44 -5.80 -16.82 4.09
CA LEU A 44 -4.64 -16.10 3.60
C LEU A 44 -4.39 -14.78 4.31
N VAL A 45 -5.35 -14.28 5.09
CA VAL A 45 -5.10 -13.11 5.92
C VAL A 45 -4.24 -13.47 7.15
N ASN A 46 -4.23 -14.74 7.52
CA ASN A 46 -3.53 -15.18 8.72
C ASN A 46 -2.09 -15.52 8.37
N GLN A 47 -1.16 -14.70 8.84
CA GLN A 47 0.24 -14.83 8.46
C GLN A 47 0.83 -16.16 8.93
N GLN A 48 0.43 -16.64 10.12
CA GLN A 48 0.99 -17.87 10.65
C GLN A 48 0.59 -19.06 9.79
N ALA A 49 -0.68 -19.11 9.40
CA ALA A 49 -1.14 -20.16 8.52
C ALA A 49 -0.44 -20.10 7.17
N VAL A 50 -0.21 -18.89 6.64
CA VAL A 50 0.43 -18.81 5.33
C VAL A 50 1.89 -19.24 5.43
N ALA A 51 2.60 -18.77 6.47
CA ALA A 51 3.98 -19.19 6.64
C ALA A 51 4.09 -20.70 6.82
N LYS A 52 3.15 -21.31 7.54
CA LYS A 52 3.19 -22.76 7.71
C LYS A 52 2.94 -23.47 6.39
N PHE A 53 2.02 -22.96 5.57
CA PHE A 53 1.72 -23.58 4.28
C PHE A 53 2.94 -23.57 3.36
N PHE A 54 3.63 -22.42 3.27
CA PHE A 54 4.78 -22.33 2.37
C PHE A 54 5.93 -23.19 2.87
N LYS A 55 6.13 -23.27 4.20
CA LYS A 55 7.18 -24.13 4.74
C LYS A 55 6.90 -25.61 4.48
N GLU A 56 5.63 -26.01 4.49
CA GLU A 56 5.32 -27.42 4.24
C GLU A 56 5.32 -27.74 2.75
N GLU A 57 4.67 -26.91 1.93
CA GLU A 57 4.43 -27.29 0.54
C GLU A 57 5.51 -26.83 -0.43
N LYS A 58 6.24 -25.77 -0.09
CA LYS A 58 7.36 -25.27 -0.90
C LYS A 58 6.99 -25.17 -2.38
N PRO A 59 5.94 -24.44 -2.74
CA PRO A 59 5.59 -24.36 -4.17
C PRO A 59 6.72 -23.69 -4.95
N GLU A 60 6.94 -24.16 -6.19
CA GLU A 60 7.92 -23.49 -7.05
C GLU A 60 7.35 -22.32 -7.84
N TYR A 61 6.04 -22.33 -8.10
CA TYR A 61 5.37 -21.23 -8.79
C TYR A 61 4.09 -20.90 -8.06
N VAL A 62 3.73 -19.62 -8.06
CA VAL A 62 2.57 -19.11 -7.33
C VAL A 62 1.75 -18.24 -8.26
N PHE A 63 0.44 -18.52 -8.34
CA PHE A 63 -0.54 -17.66 -9.02
C PHE A 63 -1.46 -17.12 -7.92
N LEU A 64 -1.36 -15.82 -7.62
CA LEU A 64 -2.06 -15.23 -6.46
C LEU A 64 -3.35 -14.58 -6.94
N THR A 65 -4.44 -15.34 -6.95
CA THR A 65 -5.73 -14.81 -7.38
C THR A 65 -6.65 -14.39 -6.25
N ALA A 66 -6.35 -14.77 -5.00
CA ALA A 66 -7.28 -14.50 -3.91
C ALA A 66 -7.39 -13.01 -3.61
N VAL A 67 -8.61 -12.55 -3.36
CA VAL A 67 -8.89 -11.12 -3.20
C VAL A 67 -10.19 -10.99 -2.44
N LEU A 68 -10.34 -9.88 -1.71
CA LEU A 68 -11.66 -9.43 -1.32
C LEU A 68 -12.01 -8.31 -2.28
N PRO A 69 -12.96 -8.51 -3.19
CA PRO A 69 -13.06 -7.58 -4.33
C PRO A 69 -14.06 -6.48 -4.05
N CYS A 70 -13.83 -5.32 -4.62
CA CYS A 70 -14.74 -4.20 -4.45
C CYS A 70 -15.87 -4.28 -5.47
N GLY A 71 -17.10 -4.25 -4.98
CA GLY A 71 -18.25 -4.26 -5.85
C GLY A 71 -19.29 -3.27 -5.38
N ALA A 72 -20.32 -3.09 -6.19
CA ALA A 72 -21.33 -2.08 -5.87
C ALA A 72 -22.05 -2.42 -4.57
N ALA A 73 -22.26 -3.71 -4.31
CA ALA A 73 -23.05 -4.09 -3.13
C ALA A 73 -22.28 -3.90 -1.83
N ASN A 74 -20.96 -4.13 -1.83
CA ASN A 74 -20.19 -4.16 -0.59
C ASN A 74 -19.28 -2.94 -0.40
N VAL A 75 -19.57 -1.84 -1.12
CA VAL A 75 -18.63 -0.73 -1.17
C VAL A 75 -18.41 -0.11 0.22
N ALA A 76 -19.32 -0.36 1.16
CA ALA A 76 -19.16 0.17 2.51
C ALA A 76 -17.96 -0.41 3.25
N GLN A 77 -17.39 -1.52 2.78
CA GLN A 77 -16.32 -2.19 3.51
C GLN A 77 -14.95 -1.55 3.26
N ARG A 78 -14.89 -0.22 3.42
CA ARG A 78 -13.70 0.54 3.03
C ARG A 78 -12.45 0.06 3.76
N ALA A 79 -12.56 -0.19 5.06
CA ALA A 79 -11.41 -0.67 5.84
C ALA A 79 -11.03 -2.09 5.46
N ASP A 80 -12.03 -2.97 5.27
CA ASP A 80 -11.72 -4.36 4.93
C ASP A 80 -10.99 -4.47 3.60
N PHE A 81 -11.35 -3.63 2.63
CA PHE A 81 -10.73 -3.73 1.31
C PHE A 81 -9.24 -3.49 1.38
N ILE A 82 -8.80 -2.56 2.22
CA ILE A 82 -7.36 -2.32 2.26
C ILE A 82 -6.68 -3.31 3.21
N TYR A 83 -7.26 -3.56 4.38
CA TYR A 83 -6.61 -4.45 5.35
C TYR A 83 -6.50 -5.87 4.81
N GLU A 84 -7.62 -6.45 4.39
CA GLU A 84 -7.60 -7.86 4.01
C GLU A 84 -6.76 -8.10 2.76
N ASN A 85 -6.88 -7.24 1.76
CA ASN A 85 -6.06 -7.44 0.54
C ASN A 85 -4.59 -7.16 0.79
N LEU A 86 -4.25 -6.16 1.61
CA LEU A 86 -2.84 -5.97 1.94
C LEU A 86 -2.28 -7.17 2.68
N MET A 87 -3.09 -7.80 3.55
CA MET A 87 -2.59 -8.94 4.32
C MET A 87 -2.39 -10.16 3.43
N ILE A 88 -3.37 -10.45 2.57
CA ILE A 88 -3.20 -11.53 1.60
C ILE A 88 -1.96 -11.29 0.74
N GLN A 89 -1.82 -10.08 0.21
CA GLN A 89 -0.67 -9.77 -0.65
C GLN A 89 0.63 -9.91 0.11
N ASN A 90 0.71 -9.27 1.29
CA ASN A 90 1.94 -9.34 2.07
C ASN A 90 2.28 -10.76 2.47
N ASN A 91 1.30 -11.48 3.01
CA ASN A 91 1.56 -12.84 3.49
C ASN A 91 2.07 -13.73 2.38
N VAL A 92 1.37 -13.74 1.24
CA VAL A 92 1.74 -14.66 0.16
C VAL A 92 3.05 -14.21 -0.49
N ILE A 93 3.24 -12.90 -0.68
CA ILE A 93 4.43 -12.45 -1.40
C ILE A 93 5.68 -12.64 -0.56
N HIS A 94 5.63 -12.24 0.70
CA HIS A 94 6.84 -12.34 1.52
C HIS A 94 7.20 -13.79 1.77
N ASN A 95 6.21 -14.63 2.07
CA ASN A 95 6.50 -16.03 2.34
C ASN A 95 6.90 -16.78 1.08
N SER A 96 6.47 -16.33 -0.10
CA SER A 96 7.04 -16.90 -1.32
C SER A 96 8.53 -16.61 -1.41
N PHE A 97 8.93 -15.38 -1.08
CA PHE A 97 10.34 -15.02 -1.08
C PHE A 97 11.13 -15.85 -0.07
N LEU A 98 10.61 -15.99 1.15
CA LEU A 98 11.33 -16.71 2.19
C LEU A 98 11.57 -18.17 1.81
N ASN A 99 10.67 -18.75 1.03
CA ASN A 99 10.74 -20.16 0.70
C ASN A 99 11.17 -20.38 -0.75
N ASN A 100 11.82 -19.39 -1.35
CA ASN A 100 12.56 -19.55 -2.61
C ASN A 100 11.66 -19.97 -3.77
N VAL A 101 10.44 -19.42 -3.81
CA VAL A 101 9.58 -19.52 -4.99
C VAL A 101 10.30 -18.97 -6.21
N LYS A 102 10.18 -19.71 -7.32
CA LYS A 102 10.88 -19.36 -8.55
C LYS A 102 10.25 -18.15 -9.23
N LYS A 103 8.94 -18.19 -9.47
CA LYS A 103 8.21 -17.03 -10.01
C LYS A 103 6.83 -16.96 -9.38
N LEU A 104 6.28 -15.75 -9.38
CA LEU A 104 4.95 -15.50 -8.84
C LEU A 104 4.23 -14.55 -9.78
N VAL A 105 2.93 -14.74 -9.91
CA VAL A 105 2.10 -13.82 -10.69
C VAL A 105 1.02 -13.28 -9.80
N PHE A 106 0.94 -11.97 -9.73
CA PHE A 106 -0.06 -11.28 -8.94
C PHE A 106 -0.99 -10.53 -9.88
N PHE A 107 -2.27 -10.48 -9.55
CA PHE A 107 -3.22 -9.82 -10.45
C PHE A 107 -3.63 -8.48 -9.86
N GLY A 108 -3.42 -7.42 -10.67
CA GLY A 108 -3.82 -6.08 -10.30
C GLY A 108 -5.21 -5.75 -10.80
N SER A 109 -5.60 -4.51 -10.56
CA SER A 109 -6.93 -4.04 -10.93
C SER A 109 -6.83 -2.67 -11.55
N GLY A 110 -7.73 -2.39 -12.50
CA GLY A 110 -7.79 -1.08 -13.10
C GLY A 110 -8.14 0.03 -12.12
N TYR A 111 -8.68 -0.34 -10.95
CA TYR A 111 -8.93 0.65 -9.91
C TYR A 111 -7.65 1.21 -9.34
N MET A 112 -6.50 0.61 -9.65
CA MET A 112 -5.23 1.19 -9.23
C MET A 112 -4.88 2.46 -9.99
N TYR A 113 -5.56 2.74 -11.13
CA TYR A 113 -5.21 3.89 -11.94
C TYR A 113 -6.08 5.10 -11.59
N PRO A 114 -5.58 6.31 -11.80
CA PRO A 114 -6.33 7.50 -11.40
C PRO A 114 -7.66 7.60 -12.12
N GLU A 115 -8.65 8.17 -11.42
CA GLU A 115 -10.00 8.19 -11.95
C GLU A 115 -10.07 8.93 -13.29
N ASN A 116 -9.27 10.00 -13.44
CA ASN A 116 -9.32 10.86 -14.60
C ASN A 116 -8.17 10.60 -15.57
N ALA A 117 -7.50 9.47 -15.43
CA ALA A 117 -6.45 9.13 -16.38
C ALA A 117 -7.03 8.90 -17.77
N LYS A 118 -6.22 9.21 -18.78
CA LYS A 118 -6.63 9.01 -20.15
C LYS A 118 -6.80 7.53 -20.47
N ASN A 119 -7.90 7.20 -21.13
CA ASN A 119 -7.94 5.87 -21.75
C ASN A 119 -7.36 5.93 -23.16
N PRO A 120 -6.74 4.85 -23.66
CA PRO A 120 -6.40 3.65 -22.90
C PRO A 120 -5.34 3.92 -21.84
N LEU A 121 -5.46 3.21 -20.72
CA LEU A 121 -4.58 3.44 -19.58
C LEU A 121 -3.23 2.77 -19.81
N LYS A 122 -2.17 3.55 -19.69
CA LYS A 122 -0.81 3.02 -19.74
C LYS A 122 -0.34 2.66 -18.34
N GLU A 123 0.64 1.74 -18.28
CA GLU A 123 1.19 1.34 -16.98
C GLU A 123 1.81 2.53 -16.25
N GLU A 124 2.34 3.50 -16.98
CA GLU A 124 2.96 4.66 -16.32
C GLU A 124 1.93 5.69 -15.86
N TYR A 125 0.63 5.42 -15.98
CA TYR A 125 -0.33 6.33 -15.40
C TYR A 125 -0.53 6.09 -13.90
N LEU A 126 0.18 5.12 -13.32
CA LEU A 126 0.15 4.92 -11.88
C LEU A 126 0.61 6.20 -11.17
N PHE A 127 -0.14 6.56 -10.13
CA PHE A 127 0.11 7.74 -9.29
C PHE A 127 -0.11 9.07 -10.01
N GLN A 128 -0.73 9.10 -11.19
CA GLN A 128 -0.92 10.38 -11.88
C GLN A 128 -2.30 10.98 -11.56
N GLY A 129 -2.66 11.04 -10.29
CA GLY A 129 -3.93 11.60 -9.89
C GLY A 129 -4.69 10.68 -8.96
N ASP A 130 -5.73 11.24 -8.35
CA ASP A 130 -6.55 10.56 -7.34
C ASP A 130 -7.32 9.38 -7.94
N LEU A 131 -7.50 8.34 -7.13
CA LEU A 131 -8.30 7.17 -7.42
C LEU A 131 -9.80 7.49 -7.31
N GLU A 132 -10.61 6.62 -7.90
CA GLU A 132 -12.06 6.75 -7.74
C GLU A 132 -12.45 6.55 -6.28
N TYR A 133 -13.42 7.35 -5.83
CA TYR A 133 -13.65 7.46 -4.38
C TYR A 133 -14.10 6.14 -3.78
N GLY A 134 -15.03 5.44 -4.44
CA GLY A 134 -15.56 4.21 -3.90
C GLY A 134 -14.52 3.10 -3.85
N ALA A 135 -13.61 3.08 -4.81
CA ALA A 135 -12.57 2.07 -4.88
C ALA A 135 -11.24 2.57 -4.33
N TYR A 136 -11.27 3.71 -3.62
CA TYR A 136 -10.04 4.37 -3.20
C TYR A 136 -9.14 3.46 -2.35
N SER A 137 -9.69 2.83 -1.31
CA SER A 137 -8.83 2.01 -0.47
C SER A 137 -8.49 0.68 -1.12
N PHE A 138 -9.40 0.14 -1.93
CA PHE A 138 -9.11 -1.07 -2.70
C PHE A 138 -8.00 -0.82 -3.70
N GLY A 139 -8.04 0.32 -4.39
CA GLY A 139 -7.01 0.61 -5.36
C GLY A 139 -5.67 0.85 -4.71
N ALA A 140 -5.66 1.53 -3.56
CA ALA A 140 -4.40 1.74 -2.85
C ALA A 140 -3.77 0.40 -2.42
N ALA A 141 -4.59 -0.56 -2.00
CA ALA A 141 -4.05 -1.88 -1.68
C ALA A 141 -3.48 -2.57 -2.92
N LYS A 142 -4.14 -2.43 -4.07
CA LYS A 142 -3.61 -3.02 -5.30
C LYS A 142 -2.31 -2.35 -5.73
N ILE A 143 -2.19 -1.05 -5.47
CA ILE A 143 -0.93 -0.37 -5.77
C ILE A 143 0.18 -0.97 -4.93
N ALA A 144 -0.08 -1.16 -3.63
CA ALA A 144 0.93 -1.69 -2.75
C ALA A 144 1.34 -3.10 -3.13
N GLY A 145 0.41 -3.89 -3.66
CA GLY A 145 0.79 -5.21 -4.14
C GLY A 145 1.72 -5.14 -5.33
N ALA A 146 1.44 -4.20 -6.25
CA ALA A 146 2.31 -4.06 -7.42
C ALA A 146 3.68 -3.56 -7.00
N ILE A 147 3.74 -2.55 -6.14
CA ILE A 147 5.02 -2.04 -5.68
C ILE A 147 5.80 -3.08 -4.87
N MET A 148 5.10 -3.91 -4.09
CA MET A 148 5.76 -4.97 -3.33
C MET A 148 6.50 -5.94 -4.25
N CYS A 149 5.78 -6.45 -5.28
CA CYS A 149 6.40 -7.34 -6.25
C CYS A 149 7.66 -6.72 -6.83
N GLU A 150 7.54 -5.47 -7.28
CA GLU A 150 8.70 -4.81 -7.88
C GLU A 150 9.82 -4.63 -6.86
N SER A 151 9.46 -4.27 -5.62
CA SER A 151 10.49 -4.01 -4.62
C SER A 151 11.24 -5.28 -4.25
N TYR A 152 10.54 -6.42 -4.24
CA TYR A 152 11.24 -7.69 -4.01
C TYR A 152 12.10 -8.07 -5.20
N ASN A 153 11.65 -7.79 -6.43
CA ASN A 153 12.49 -8.08 -7.59
C ASN A 153 13.78 -7.27 -7.53
N ILE A 154 13.71 -6.01 -7.08
CA ILE A 154 14.89 -5.17 -7.09
C ILE A 154 15.84 -5.53 -5.95
N GLN A 155 15.33 -5.61 -4.71
CA GLN A 155 16.25 -5.82 -3.59
C GLN A 155 16.76 -7.24 -3.56
N TYR A 156 15.90 -8.22 -3.84
CA TYR A 156 16.20 -9.63 -3.59
C TYR A 156 16.31 -10.46 -4.86
N GLY A 157 16.08 -9.86 -6.02
CA GLY A 157 16.26 -10.62 -7.25
C GLY A 157 15.20 -11.67 -7.47
N THR A 158 14.01 -11.47 -6.90
CA THR A 158 12.88 -12.34 -7.16
C THR A 158 12.33 -12.09 -8.57
N ASN A 159 11.37 -12.89 -8.97
CA ASN A 159 10.68 -12.76 -10.25
C ASN A 159 9.16 -12.73 -10.01
N PHE A 160 8.69 -11.63 -9.42
CA PHE A 160 7.30 -11.46 -9.03
C PHE A 160 6.68 -10.42 -9.96
N ILE A 161 5.68 -10.84 -10.75
CA ILE A 161 5.14 -10.04 -11.85
C ILE A 161 3.67 -9.71 -11.59
N THR A 162 3.31 -8.44 -11.77
CA THR A 162 1.94 -7.99 -11.63
C THR A 162 1.30 -7.80 -12.99
N LEU A 163 0.15 -8.44 -13.19
CA LEU A 163 -0.65 -8.28 -14.39
C LEU A 163 -1.96 -7.60 -14.00
N VAL A 164 -2.26 -6.49 -14.65
CA VAL A 164 -3.38 -5.64 -14.25
C VAL A 164 -4.51 -5.79 -15.25
N LEU A 165 -5.72 -6.06 -14.76
CA LEU A 165 -6.87 -6.25 -15.65
C LEU A 165 -8.06 -5.44 -15.15
N ASN A 166 -9.05 -5.26 -16.05
CA ASN A 166 -10.25 -4.50 -15.71
C ASN A 166 -11.44 -5.35 -15.31
N ASN A 167 -12.18 -5.94 -16.24
CA ASN A 167 -13.33 -6.78 -15.91
C ASN A 167 -13.06 -8.20 -16.36
N LEU A 168 -13.30 -9.15 -15.46
CA LEU A 168 -13.13 -10.57 -15.74
C LEU A 168 -14.48 -11.21 -16.00
N TYR A 169 -14.48 -12.20 -16.89
CA TYR A 169 -15.60 -13.12 -17.01
C TYR A 169 -15.00 -14.44 -17.47
N GLY A 170 -15.80 -15.49 -17.45
CA GLY A 170 -15.21 -16.75 -17.83
C GLY A 170 -16.25 -17.81 -18.01
N THR A 171 -15.79 -18.96 -18.50
CA THR A 171 -16.72 -20.05 -18.79
C THR A 171 -17.42 -20.49 -17.52
N LYS A 172 -16.71 -20.47 -16.38
CA LYS A 172 -17.28 -20.91 -15.11
C LYS A 172 -17.19 -19.81 -14.06
N ALA A 173 -17.76 -18.64 -14.34
CA ALA A 173 -17.61 -17.47 -13.49
C ALA A 173 -18.54 -17.54 -12.29
N ASN A 174 -18.39 -16.56 -11.40
CA ASN A 174 -19.26 -16.39 -10.25
C ASN A 174 -20.48 -15.60 -10.69
N PHE A 175 -21.60 -16.31 -10.90
CA PHE A 175 -22.86 -15.69 -11.25
C PHE A 175 -23.69 -15.32 -10.03
N ASP A 176 -23.18 -15.56 -8.83
CA ASP A 176 -23.94 -15.25 -7.63
C ASP A 176 -24.27 -13.76 -7.59
N PHE A 177 -25.47 -13.47 -7.10
CA PHE A 177 -26.09 -12.16 -7.25
C PHE A 177 -25.59 -11.14 -6.23
N GLY A 178 -24.90 -11.58 -5.18
CA GLY A 178 -24.34 -10.65 -4.20
C GLY A 178 -23.10 -9.95 -4.71
N LYS A 179 -22.05 -10.73 -5.00
CA LYS A 179 -20.83 -10.19 -5.59
C LYS A 179 -21.07 -10.04 -7.09
N SER A 180 -21.78 -8.98 -7.45
CA SER A 180 -22.33 -8.83 -8.80
C SER A 180 -21.23 -8.42 -9.77
N ARG A 181 -20.53 -9.40 -10.32
CA ARG A 181 -19.62 -9.12 -11.42
C ARG A 181 -20.40 -8.78 -12.68
N VAL A 182 -19.90 -7.79 -13.42
CA VAL A 182 -20.72 -7.11 -14.44
C VAL A 182 -21.22 -8.10 -15.49
N LEU A 183 -20.31 -8.69 -16.25
CA LEU A 183 -20.74 -9.52 -17.37
C LEU A 183 -21.51 -10.78 -16.93
N PRO A 184 -21.04 -11.58 -15.96
CA PRO A 184 -21.87 -12.72 -15.56
C PRO A 184 -23.25 -12.34 -15.07
N ALA A 185 -23.37 -11.22 -14.37
CA ALA A 185 -24.67 -10.82 -13.85
C ALA A 185 -25.59 -10.37 -14.96
N LEU A 186 -25.07 -9.63 -15.93
CA LEU A 186 -25.88 -9.25 -17.09
C LEU A 186 -26.37 -10.49 -17.82
N LEU A 187 -25.51 -11.52 -17.93
CA LEU A 187 -25.91 -12.72 -18.63
C LEU A 187 -27.06 -13.40 -17.90
N ARG A 188 -26.94 -13.54 -16.58
CA ARG A 188 -27.98 -14.19 -15.79
C ARG A 188 -29.27 -13.37 -15.81
N LYS A 189 -29.17 -12.04 -15.82
CA LYS A 189 -30.38 -11.23 -15.79
C LYS A 189 -31.17 -11.38 -17.09
N PHE A 190 -30.49 -11.43 -18.24
CA PHE A 190 -31.19 -11.67 -19.50
C PHE A 190 -31.70 -13.11 -19.60
N HIS A 191 -30.97 -14.06 -19.00
CA HIS A 191 -31.42 -15.45 -18.99
C HIS A 191 -32.67 -15.60 -18.13
N LEU A 192 -32.70 -14.95 -16.96
CA LEU A 192 -33.91 -14.98 -16.14
C LEU A 192 -35.05 -14.23 -16.81
N ALA A 193 -34.74 -13.13 -17.52
CA ALA A 193 -35.79 -12.40 -18.22
C ALA A 193 -36.41 -13.26 -19.30
N LYS A 194 -35.60 -14.07 -19.98
CA LYS A 194 -36.15 -14.92 -21.02
C LYS A 194 -37.02 -16.02 -20.42
N LEU A 195 -36.57 -16.60 -19.30
CA LEU A 195 -37.37 -17.62 -18.62
C LEU A 195 -38.67 -17.04 -18.09
N LEU A 196 -38.66 -15.78 -17.66
CA LEU A 196 -39.88 -15.16 -17.16
C LEU A 196 -40.84 -14.88 -18.30
N SER A 197 -40.33 -14.32 -19.41
CA SER A 197 -41.19 -13.99 -20.54
C SER A 197 -41.82 -15.24 -21.15
N GLU A 198 -41.18 -16.40 -21.00
CA GLU A 198 -41.74 -17.68 -21.40
C GLU A 198 -42.71 -18.27 -20.39
N GLY A 199 -42.83 -17.66 -19.21
CA GLY A 199 -43.70 -18.22 -18.19
C GLY A 199 -43.14 -19.40 -17.41
N ASN A 200 -41.81 -19.55 -17.36
CA ASN A 200 -41.15 -20.71 -16.76
C ASN A 200 -40.92 -20.50 -15.27
N ILE A 201 -41.92 -20.85 -14.46
CA ILE A 201 -41.82 -20.64 -13.02
C ILE A 201 -40.74 -21.52 -12.39
N THR A 202 -40.62 -22.77 -12.84
CA THR A 202 -39.81 -23.76 -12.12
C THR A 202 -38.32 -23.45 -12.25
N GLN A 203 -37.83 -23.25 -13.47
CA GLN A 203 -36.41 -23.02 -13.66
C GLN A 203 -35.96 -21.71 -13.05
N ILE A 204 -36.84 -20.71 -13.01
CA ILE A 204 -36.53 -19.49 -12.26
C ILE A 204 -36.33 -19.85 -10.80
N LEU A 205 -37.26 -20.61 -10.23
CA LEU A 205 -37.19 -20.97 -8.82
C LEU A 205 -35.92 -21.75 -8.51
N GLN A 206 -35.55 -22.69 -9.39
CA GLN A 206 -34.34 -23.45 -9.19
C GLN A 206 -33.10 -22.59 -9.38
N ASP A 207 -33.10 -21.76 -10.44
CA ASP A 207 -31.95 -20.90 -10.70
C ASP A 207 -31.74 -19.90 -9.58
N LEU A 208 -32.83 -19.39 -9.01
CA LEU A 208 -32.67 -18.60 -7.80
C LEU A 208 -32.60 -19.52 -6.59
N LYS A 209 -32.27 -18.95 -5.45
CA LYS A 209 -32.15 -19.71 -4.22
C LYS A 209 -33.49 -20.05 -3.59
N MET A 210 -34.59 -19.73 -4.28
CA MET A 210 -35.86 -19.43 -3.64
C MET A 210 -36.89 -20.54 -3.86
N ASN A 211 -37.93 -20.49 -3.03
CA ASN A 211 -39.05 -21.43 -3.10
C ASN A 211 -40.41 -20.74 -3.25
N ASN A 212 -40.49 -19.43 -3.08
CA ASN A 212 -41.73 -18.68 -3.19
C ASN A 212 -41.68 -17.83 -4.45
N PHE A 213 -42.46 -18.22 -5.47
CA PHE A 213 -42.29 -17.58 -6.78
C PHE A 213 -42.65 -16.10 -6.75
N GLU A 214 -43.64 -15.70 -5.93
CA GLU A 214 -43.95 -14.28 -5.85
C GLU A 214 -42.79 -13.49 -5.26
N GLU A 215 -42.07 -14.10 -4.31
CA GLU A 215 -40.86 -13.50 -3.81
C GLU A 215 -39.78 -13.47 -4.89
N ALA A 216 -39.76 -14.48 -5.77
CA ALA A 216 -38.77 -14.49 -6.83
C ALA A 216 -38.99 -13.34 -7.80
N LYS A 217 -40.25 -13.12 -8.20
CA LYS A 217 -40.57 -12.07 -9.16
C LYS A 217 -40.22 -10.69 -8.62
N GLU A 218 -40.45 -10.47 -7.32
CA GLU A 218 -40.03 -9.21 -6.71
C GLU A 218 -38.52 -9.07 -6.74
N TYR A 219 -37.81 -10.17 -6.47
CA TYR A 219 -36.36 -10.16 -6.52
C TYR A 219 -35.89 -9.87 -7.94
N LEU A 220 -36.55 -10.45 -8.93
CA LEU A 220 -36.21 -10.16 -10.31
C LEU A 220 -36.41 -8.67 -10.61
N HIS A 221 -37.53 -8.12 -10.16
CA HIS A 221 -37.85 -6.73 -10.48
C HIS A 221 -36.88 -5.75 -9.83
N ASN A 222 -36.34 -6.09 -8.66
CA ASN A 222 -35.35 -5.23 -8.03
C ASN A 222 -34.10 -5.11 -8.90
N PHE A 223 -33.84 -6.12 -9.72
CA PHE A 223 -32.71 -6.11 -10.64
C PHE A 223 -33.10 -5.70 -12.06
N GLY A 224 -34.29 -5.09 -12.22
CA GLY A 224 -34.71 -4.55 -13.50
C GLY A 224 -35.33 -5.54 -14.45
N ILE A 225 -35.62 -6.75 -14.00
CA ILE A 225 -36.12 -7.80 -14.86
C ILE A 225 -37.65 -7.80 -14.86
N SER A 226 -38.22 -7.85 -16.06
CA SER A 226 -39.66 -7.92 -16.27
C SER A 226 -39.90 -8.86 -17.44
N LYS A 227 -41.17 -9.20 -17.68
CA LYS A 227 -41.47 -10.14 -18.74
C LYS A 227 -41.08 -9.59 -20.10
N LYS A 228 -41.31 -8.31 -20.33
CA LYS A 228 -41.12 -7.75 -21.66
C LYS A 228 -39.96 -6.76 -21.73
N SER A 229 -39.19 -6.60 -20.65
CA SER A 229 -38.10 -5.65 -20.71
C SER A 229 -37.06 -5.99 -19.66
N VAL A 230 -35.83 -5.59 -19.94
CA VAL A 230 -34.77 -5.48 -18.96
C VAL A 230 -34.33 -4.02 -18.94
N GLU A 231 -34.36 -3.43 -17.75
CA GLU A 231 -33.96 -2.05 -17.54
C GLU A 231 -32.67 -2.04 -16.74
N ILE A 232 -31.71 -1.23 -17.16
CA ILE A 232 -30.49 -1.05 -16.39
C ILE A 232 -30.27 0.45 -16.17
N TRP A 233 -29.79 0.79 -14.97
CA TRP A 233 -29.59 2.17 -14.59
C TRP A 233 -28.43 2.79 -15.36
N GLY A 234 -28.60 4.04 -15.76
CA GLY A 234 -27.55 4.79 -16.40
C GLY A 234 -27.88 5.18 -17.82
N THR A 235 -26.97 5.97 -18.40
CA THR A 235 -27.09 6.32 -19.80
C THR A 235 -26.75 5.16 -20.73
N GLY A 236 -26.00 4.17 -20.25
CA GLY A 236 -25.54 3.12 -21.13
C GLY A 236 -24.31 3.47 -21.95
N LYS A 237 -23.71 4.65 -21.77
CA LYS A 237 -22.54 5.01 -22.55
C LYS A 237 -21.23 4.78 -21.79
N VAL A 238 -21.29 4.34 -20.54
CA VAL A 238 -20.06 4.01 -19.83
C VAL A 238 -19.39 2.84 -20.54
N ARG A 239 -18.07 2.93 -20.71
CA ARG A 239 -17.34 1.97 -21.52
C ARG A 239 -16.49 1.07 -20.64
N ARG A 240 -16.51 -0.23 -20.94
CA ARG A 240 -15.80 -1.24 -20.18
C ARG A 240 -15.05 -2.19 -21.12
N GLU A 241 -13.92 -2.67 -20.62
CA GLU A 241 -13.13 -3.71 -21.25
C GLU A 241 -13.27 -4.99 -20.43
N PHE A 242 -13.31 -6.14 -21.13
CA PHE A 242 -13.51 -7.44 -20.52
C PHE A 242 -12.45 -8.40 -21.02
N ILE A 243 -12.04 -9.34 -20.16
CA ILE A 243 -11.16 -10.40 -20.58
C ILE A 243 -11.72 -11.73 -20.11
N HIS A 244 -11.84 -12.68 -21.04
CA HIS A 244 -12.26 -14.04 -20.69
C HIS A 244 -11.18 -14.72 -19.86
N SER A 245 -11.61 -15.46 -18.83
CA SER A 245 -10.63 -16.04 -17.91
C SER A 245 -9.72 -17.09 -18.56
N ASP A 246 -10.13 -17.69 -19.68
CA ASP A 246 -9.20 -18.53 -20.44
C ASP A 246 -8.04 -17.69 -20.99
N ASP A 247 -8.33 -16.47 -21.47
CA ASP A 247 -7.26 -15.55 -21.87
C ASP A 247 -6.45 -15.07 -20.67
N LEU A 248 -7.11 -14.85 -19.53
CA LEU A 248 -6.38 -14.53 -18.32
C LEU A 248 -5.38 -15.63 -17.98
N ALA A 249 -5.84 -16.88 -17.97
CA ALA A 249 -4.92 -17.98 -17.68
C ALA A 249 -3.85 -18.09 -18.76
N ASP A 250 -4.21 -17.83 -20.02
CA ASP A 250 -3.25 -17.91 -21.12
C ASP A 250 -2.10 -16.91 -20.94
N VAL A 251 -2.41 -15.66 -20.60
CA VAL A 251 -1.32 -14.70 -20.43
C VAL A 251 -0.57 -14.95 -19.12
N ALA A 252 -1.24 -15.43 -18.08
CA ALA A 252 -0.52 -15.71 -16.84
C ALA A 252 0.47 -16.85 -17.02
N ILE A 253 0.08 -17.88 -17.79
CA ILE A 253 1.00 -18.96 -18.08
C ILE A 253 2.12 -18.47 -19.00
N TYR A 254 1.77 -17.68 -20.01
CA TYR A 254 2.80 -17.11 -20.88
C TYR A 254 3.82 -16.30 -20.08
N THR A 255 3.35 -15.55 -19.09
CA THR A 255 4.25 -14.78 -18.25
C THR A 255 5.20 -15.69 -17.48
N MET A 256 4.70 -16.80 -16.94
CA MET A 256 5.57 -17.72 -16.19
C MET A 256 6.67 -18.27 -17.09
N GLN A 257 6.31 -18.65 -18.32
CA GLN A 257 7.25 -19.27 -19.25
C GLN A 257 8.17 -18.28 -19.95
N ASN A 258 7.83 -16.98 -20.00
CA ASN A 258 8.56 -16.12 -20.93
C ASN A 258 8.98 -14.76 -20.36
N ILE A 259 8.30 -14.19 -19.39
CA ILE A 259 8.55 -12.80 -18.98
C ILE A 259 9.21 -12.79 -17.61
N ASP A 260 10.44 -12.30 -17.54
CA ASP A 260 11.19 -12.17 -16.30
C ASP A 260 11.38 -10.70 -15.97
N PHE A 261 11.70 -10.41 -14.71
CA PHE A 261 11.83 -9.02 -14.31
C PHE A 261 12.89 -8.29 -15.12
N LYS A 262 13.96 -8.98 -15.52
CA LYS A 262 14.98 -8.33 -16.35
C LYS A 262 14.40 -7.89 -17.69
N ASP A 263 13.36 -8.58 -18.17
CA ASP A 263 12.73 -8.21 -19.43
C ASP A 263 11.96 -6.90 -19.34
N LEU A 264 11.68 -6.45 -18.12
CA LEU A 264 10.85 -5.26 -17.90
C LEU A 264 11.66 -4.03 -17.50
N ILE A 265 12.95 -4.18 -17.20
CA ILE A 265 13.68 -3.12 -16.51
C ILE A 265 14.01 -1.97 -17.45
N LYS A 266 14.00 -0.76 -16.89
CA LYS A 266 14.44 0.46 -17.55
C LYS A 266 15.96 0.59 -17.49
N ASP A 267 16.48 1.57 -18.22
CA ASP A 267 17.93 1.74 -18.31
C ASP A 267 18.56 2.08 -16.95
N ARG A 268 17.79 2.68 -16.04
CA ARG A 268 18.37 3.11 -14.77
C ARG A 268 17.40 2.92 -13.61
N LYS A 269 16.61 3.95 -13.30
CA LYS A 269 15.64 3.91 -12.20
C LYS A 269 14.36 3.27 -12.72
N SER A 270 14.31 1.94 -12.68
CA SER A 270 13.19 1.20 -13.24
C SER A 270 11.99 1.23 -12.30
N LYS A 271 10.84 1.60 -12.85
CA LYS A 271 9.59 1.68 -12.13
C LYS A 271 8.47 1.34 -13.12
N ASN A 272 7.26 1.19 -12.59
CA ASN A 272 6.09 0.79 -13.39
C ASN A 272 6.37 -0.46 -14.21
N THR A 273 6.84 -1.51 -13.53
CA THR A 273 7.12 -2.78 -14.18
C THR A 273 5.95 -3.76 -14.11
N HIS A 274 4.78 -3.32 -13.64
CA HIS A 274 3.55 -4.09 -13.82
C HIS A 274 3.14 -4.06 -15.29
N ILE A 275 2.31 -5.02 -15.69
CA ILE A 275 1.92 -5.16 -17.09
C ILE A 275 0.40 -5.19 -17.17
N ASN A 276 -0.17 -4.34 -18.01
CA ASN A 276 -1.61 -4.41 -18.28
C ASN A 276 -1.90 -5.62 -19.15
N ILE A 277 -3.03 -6.26 -18.88
CA ILE A 277 -3.53 -7.35 -19.70
C ILE A 277 -4.98 -7.05 -20.01
N GLY A 278 -5.45 -7.63 -21.09
CA GLY A 278 -6.82 -7.40 -21.53
C GLY A 278 -6.91 -7.70 -23.01
N THR A 279 -8.02 -7.26 -23.60
CA THR A 279 -8.20 -7.43 -25.02
C THR A 279 -7.96 -6.16 -25.82
N GLY A 280 -7.78 -5.02 -25.16
CA GLY A 280 -7.43 -3.77 -25.82
C GLY A 280 -8.58 -3.04 -26.45
N ILE A 281 -9.79 -3.57 -26.38
CA ILE A 281 -10.95 -2.95 -26.99
C ILE A 281 -12.04 -2.85 -25.95
N ASP A 282 -12.82 -1.77 -25.99
CA ASP A 282 -13.86 -1.61 -24.99
C ASP A 282 -15.21 -1.49 -25.69
N TYR A 283 -16.26 -1.64 -24.88
CA TYR A 283 -17.63 -1.54 -25.33
C TYR A 283 -18.44 -0.75 -24.31
N SER A 284 -19.43 -0.01 -24.82
CA SER A 284 -20.36 0.63 -23.92
C SER A 284 -21.24 -0.44 -23.27
N ILE A 285 -21.76 -0.11 -22.08
CA ILE A 285 -22.63 -1.08 -21.42
C ILE A 285 -23.84 -1.37 -22.30
N LYS A 286 -24.27 -0.40 -23.10
CA LYS A 286 -25.34 -0.66 -24.06
C LYS A 286 -24.91 -1.70 -25.09
N GLU A 287 -23.71 -1.56 -25.64
CA GLU A 287 -23.27 -2.55 -26.65
C GLU A 287 -23.13 -3.93 -26.03
N VAL A 288 -22.68 -4.00 -24.77
CA VAL A 288 -22.50 -5.30 -24.13
C VAL A 288 -23.85 -5.92 -23.82
N ALA A 289 -24.79 -5.13 -23.27
CA ALA A 289 -26.08 -5.69 -22.92
C ALA A 289 -26.82 -6.18 -24.16
N LEU A 290 -26.64 -5.50 -25.29
CA LEU A 290 -27.28 -5.92 -26.52
C LEU A 290 -26.67 -7.22 -27.05
N MET A 291 -25.35 -7.35 -26.93
CA MET A 291 -24.68 -8.59 -27.31
C MET A 291 -25.15 -9.75 -26.42
N VAL A 292 -25.35 -9.50 -25.13
CA VAL A 292 -25.88 -10.55 -24.28
C VAL A 292 -27.32 -10.86 -24.66
N LYS A 293 -28.12 -9.82 -24.92
CA LYS A 293 -29.53 -10.05 -25.23
C LYS A 293 -29.68 -10.90 -26.49
N ASN A 294 -28.83 -10.65 -27.49
CA ASN A 294 -28.89 -11.41 -28.73
C ASN A 294 -28.45 -12.86 -28.51
N ILE A 295 -27.39 -13.07 -27.73
CA ILE A 295 -26.89 -14.40 -27.47
C ILE A 295 -27.90 -15.22 -26.66
N VAL A 296 -28.57 -14.57 -25.71
CA VAL A 296 -29.55 -15.28 -24.90
C VAL A 296 -30.82 -15.56 -25.69
N GLY A 297 -31.18 -14.70 -26.64
CA GLY A 297 -32.47 -14.80 -27.27
C GLY A 297 -33.63 -14.25 -26.48
N PHE A 298 -33.41 -13.22 -25.67
CA PHE A 298 -34.51 -12.52 -25.01
C PHE A 298 -35.23 -11.61 -26.00
N SER A 299 -36.56 -11.75 -26.10
CA SER A 299 -37.39 -11.00 -27.04
C SER A 299 -37.78 -9.60 -26.58
N GLY A 300 -37.55 -9.25 -25.31
CA GLY A 300 -38.06 -8.00 -24.79
C GLY A 300 -37.17 -6.81 -25.12
N GLU A 301 -37.56 -5.65 -24.57
CA GLU A 301 -36.85 -4.41 -24.79
C GLU A 301 -35.63 -4.29 -23.89
N LEU A 302 -34.62 -3.56 -24.37
CA LEU A 302 -33.53 -3.08 -23.54
C LEU A 302 -33.78 -1.60 -23.23
N VAL A 303 -33.82 -1.25 -21.95
CA VAL A 303 -34.18 0.09 -21.51
C VAL A 303 -33.08 0.62 -20.61
N PHE A 304 -32.66 1.87 -20.84
CA PHE A 304 -31.67 2.51 -19.99
C PHE A 304 -32.32 3.67 -19.24
N ASN A 305 -32.29 3.59 -17.91
CA ASN A 305 -32.94 4.56 -17.05
C ASN A 305 -31.94 5.67 -16.75
N THR A 306 -32.00 6.73 -17.56
CA THR A 306 -31.01 7.80 -17.43
C THR A 306 -31.30 8.74 -16.27
N SER A 307 -32.41 8.53 -15.54
CA SER A 307 -32.74 9.40 -14.42
C SER A 307 -31.74 9.30 -13.27
N ARG A 308 -31.09 8.15 -13.11
CA ARG A 308 -30.08 7.99 -12.06
C ARG A 308 -28.72 7.77 -12.70
N PRO A 309 -27.85 8.78 -12.69
CA PRO A 309 -26.64 8.74 -13.54
C PRO A 309 -25.68 7.61 -13.19
N ASP A 310 -25.04 7.07 -14.23
CA ASP A 310 -24.10 5.95 -14.08
C ASP A 310 -22.82 6.34 -13.36
N SER A 311 -22.38 7.60 -13.50
CA SER A 311 -21.25 8.18 -12.78
C SER A 311 -19.87 7.63 -13.16
N THR A 312 -19.79 6.34 -13.52
CA THR A 312 -18.50 5.65 -13.58
C THR A 312 -17.59 6.18 -14.69
N MET A 313 -16.28 6.15 -14.40
CA MET A 313 -15.24 6.42 -15.38
C MET A 313 -15.12 5.28 -16.38
N ASP A 314 -14.64 5.59 -17.58
CA ASP A 314 -14.28 4.52 -18.49
C ASP A 314 -12.97 3.87 -18.05
N ARG A 315 -12.81 2.60 -18.38
CA ARG A 315 -11.61 1.83 -18.04
C ARG A 315 -11.28 0.94 -19.23
N LEU A 316 -10.15 1.22 -19.88
CA LEU A 316 -9.67 0.40 -21.00
C LEU A 316 -8.16 0.33 -20.90
N MET A 317 -7.60 -0.88 -20.84
CA MET A 317 -6.15 -0.97 -20.82
C MET A 317 -5.51 -0.67 -22.16
N ASP A 318 -4.40 0.07 -22.11
CA ASP A 318 -3.42 0.03 -23.18
C ASP A 318 -2.59 -1.24 -23.01
N CYS A 319 -2.77 -2.19 -23.92
CA CYS A 319 -2.11 -3.49 -23.85
C CYS A 319 -0.88 -3.57 -24.74
N SER A 320 -0.34 -2.43 -25.15
CA SER A 320 0.78 -2.47 -26.10
C SER A 320 2.02 -3.11 -25.48
N LYS A 321 2.19 -2.99 -24.16
CA LYS A 321 3.39 -3.55 -23.53
C LYS A 321 3.37 -5.07 -23.53
N ILE A 322 2.24 -5.68 -23.13
CA ILE A 322 2.16 -7.13 -23.16
C ILE A 322 2.18 -7.65 -24.61
N HIS A 323 1.58 -6.91 -25.55
CA HIS A 323 1.68 -7.28 -26.96
C HIS A 323 3.13 -7.37 -27.40
N SER A 324 3.92 -6.37 -27.04
CA SER A 324 5.33 -6.33 -27.42
C SER A 324 6.11 -7.45 -26.77
N LEU A 325 5.65 -7.93 -25.61
CA LEU A 325 6.28 -9.04 -24.90
C LEU A 325 5.88 -10.38 -25.50
N GLY A 326 4.97 -10.38 -26.46
CA GLY A 326 4.65 -11.56 -27.23
C GLY A 326 3.33 -12.25 -26.94
N TRP A 327 2.37 -11.61 -26.26
CA TRP A 327 1.07 -12.24 -26.02
C TRP A 327 -0.05 -11.30 -26.43
N LYS A 328 -1.06 -11.87 -27.08
CA LYS A 328 -2.30 -11.16 -27.41
C LYS A 328 -3.48 -12.08 -27.14
N HIS A 329 -4.63 -11.47 -26.85
CA HIS A 329 -5.82 -12.22 -26.47
C HIS A 329 -6.32 -13.08 -27.63
N LYS A 330 -6.94 -14.21 -27.27
CA LYS A 330 -7.51 -15.12 -28.25
C LYS A 330 -9.03 -15.09 -28.36
N ILE A 331 -9.73 -14.57 -27.35
CA ILE A 331 -11.18 -14.69 -27.27
C ILE A 331 -11.82 -13.31 -27.39
N GLU A 332 -12.56 -13.11 -28.47
CA GLU A 332 -13.34 -11.90 -28.66
C GLU A 332 -14.60 -11.95 -27.80
N LEU A 333 -15.15 -10.76 -27.49
CA LEU A 333 -16.21 -10.70 -26.49
C LEU A 333 -17.44 -11.51 -26.89
N LYS A 334 -17.89 -11.41 -28.15
CA LYS A 334 -19.10 -12.14 -28.53
C LYS A 334 -18.90 -13.64 -28.38
N ASP A 335 -17.75 -14.15 -28.81
CA ASP A 335 -17.47 -15.57 -28.63
C ASP A 335 -17.31 -15.93 -27.17
N GLY A 336 -16.78 -15.03 -26.35
CA GLY A 336 -16.60 -15.36 -24.95
C GLY A 336 -17.92 -15.46 -24.22
N ILE A 337 -18.87 -14.56 -24.52
CA ILE A 337 -20.17 -14.64 -23.86
C ILE A 337 -20.89 -15.92 -24.27
N LYS A 338 -20.74 -16.32 -25.53
CA LYS A 338 -21.40 -17.55 -25.98
C LYS A 338 -20.84 -18.76 -25.26
N MET A 339 -19.53 -18.76 -24.97
CA MET A 339 -18.95 -19.82 -24.17
C MET A 339 -19.50 -19.82 -22.75
N MET A 340 -19.66 -18.64 -22.18
CA MET A 340 -20.15 -18.56 -20.82
C MET A 340 -21.59 -19.03 -20.73
N TYR A 341 -22.43 -18.62 -21.68
CA TYR A 341 -23.85 -18.98 -21.62
C TYR A 341 -24.06 -20.47 -21.82
N GLU A 342 -23.25 -21.11 -22.66
CA GLU A 342 -23.39 -22.55 -22.87
C GLU A 342 -23.03 -23.31 -21.62
N TRP A 343 -21.99 -22.89 -20.90
CA TRP A 343 -21.70 -23.53 -19.63
C TRP A 343 -22.77 -23.24 -18.59
N TYR A 344 -23.30 -22.01 -18.59
CA TYR A 344 -24.26 -21.65 -17.57
C TYR A 344 -25.54 -22.49 -17.67
N LYS A 345 -26.01 -22.73 -18.90
CA LYS A 345 -27.24 -23.50 -19.06
C LYS A 345 -27.07 -24.94 -18.58
N THR A 346 -25.88 -25.52 -18.76
CA THR A 346 -25.60 -26.86 -18.26
C THR A 346 -24.96 -26.75 -16.87
N GLN A 347 -25.79 -26.34 -15.91
CA GLN A 347 -25.27 -26.08 -14.57
C GLN A 347 -26.31 -26.27 -13.48
N ASN A 348 -27.51 -25.70 -13.65
CA ASN A 348 -28.56 -25.86 -12.66
C ASN A 348 -29.93 -25.62 -13.29
N GLY B 1 -8.57 16.91 26.88
CA GLY B 1 -9.79 16.20 27.21
C GLY B 1 -9.96 14.90 26.46
N GLY B 2 -9.52 13.81 27.07
CA GLY B 2 -9.50 12.51 26.42
C GLY B 2 -8.69 11.49 27.21
N MET B 3 -7.38 11.45 26.96
CA MET B 3 -6.51 10.66 27.84
C MET B 3 -6.56 11.25 29.23
N GLN B 4 -6.63 10.38 30.23
CA GLN B 4 -6.54 10.76 31.63
C GLN B 4 -5.21 10.24 32.19
N THR B 5 -4.90 10.66 33.42
CA THR B 5 -3.62 10.28 34.02
C THR B 5 -3.45 8.77 34.12
N ASN B 6 -4.56 8.07 34.32
CA ASN B 6 -4.56 6.62 34.52
C ASN B 6 -4.92 5.83 33.28
N SER B 7 -5.16 6.50 32.15
CA SER B 7 -5.45 5.79 30.92
C SER B 7 -4.26 4.93 30.52
N LYS B 8 -4.55 3.72 30.02
CA LYS B 8 -3.48 2.83 29.59
C LYS B 8 -3.02 3.22 28.18
N ILE B 9 -1.73 3.55 28.04
CA ILE B 9 -1.19 4.11 26.81
C ILE B 9 -0.07 3.22 26.31
N TYR B 10 -0.21 2.73 25.09
CA TYR B 10 0.81 1.92 24.45
C TYR B 10 1.58 2.80 23.45
N ILE B 11 2.90 2.84 23.60
CA ILE B 11 3.78 3.56 22.67
C ILE B 11 4.57 2.48 21.94
N ALA B 12 4.15 2.15 20.73
CA ALA B 12 4.87 1.20 19.89
C ALA B 12 6.20 1.80 19.44
N GLY B 13 7.25 0.98 19.46
CA GLY B 13 8.54 1.48 19.06
C GLY B 13 9.14 2.48 20.04
N HIS B 14 9.00 2.23 21.36
CA HIS B 14 9.26 3.25 22.36
C HIS B 14 10.74 3.59 22.51
N LYS B 15 11.66 2.78 22.00
CA LYS B 15 13.09 3.08 22.17
C LYS B 15 13.65 3.93 21.04
N GLY B 16 12.84 4.25 20.03
CA GLY B 16 13.29 5.06 18.91
C GLY B 16 13.27 6.54 19.26
N THR B 17 13.65 7.36 18.28
CA THR B 17 13.75 8.79 18.51
C THR B 17 12.40 9.40 18.84
N ALA B 18 11.38 9.14 18.01
CA ALA B 18 10.04 9.61 18.35
C ALA B 18 9.53 8.95 19.64
N GLY B 19 9.78 7.65 19.80
CA GLY B 19 9.19 6.93 20.93
C GLY B 19 9.79 7.34 22.26
N THR B 20 11.10 7.60 22.31
CA THR B 20 11.71 7.96 23.58
C THR B 20 11.19 9.30 24.06
N ALA B 21 11.05 10.26 23.15
CA ALA B 21 10.53 11.57 23.52
C ALA B 21 9.07 11.47 23.94
N LEU B 22 8.30 10.62 23.26
CA LEU B 22 6.90 10.44 23.66
C LEU B 22 6.80 9.85 25.07
N VAL B 23 7.69 8.92 25.41
CA VAL B 23 7.61 8.26 26.71
C VAL B 23 7.96 9.25 27.82
N GLU B 24 9.05 9.98 27.66
CA GLU B 24 9.46 10.89 28.72
C GLU B 24 8.46 12.02 28.89
N ASN B 25 7.91 12.51 27.77
CA ASN B 25 6.90 13.55 27.82
C ASN B 25 5.66 13.06 28.56
N LEU B 26 5.15 11.88 28.18
CA LEU B 26 3.98 11.34 28.86
C LEU B 26 4.24 11.14 30.34
N GLN B 27 5.40 10.57 30.69
CA GLN B 27 5.69 10.35 32.11
C GLN B 27 5.81 11.66 32.86
N LYS B 28 6.53 12.62 32.29
CA LYS B 28 6.73 13.89 32.99
C LYS B 28 5.46 14.71 33.06
N ARG B 29 4.52 14.48 32.15
CA ARG B 29 3.22 15.14 32.21
C ARG B 29 2.25 14.48 33.19
N GLY B 30 2.63 13.35 33.78
CA GLY B 30 1.79 12.69 34.77
C GLY B 30 1.03 11.47 34.29
N PHE B 31 1.21 11.05 33.05
CA PHE B 31 0.52 9.85 32.59
C PHE B 31 1.31 8.66 33.11
N ASN B 32 0.72 7.93 34.03
CA ASN B 32 1.44 6.94 34.83
C ASN B 32 1.17 5.51 34.37
N ASN B 33 0.51 5.31 33.24
CA ASN B 33 0.02 3.98 32.91
C ASN B 33 0.44 3.60 31.48
N LEU B 34 1.74 3.45 31.26
CA LEU B 34 2.26 3.16 29.93
C LEU B 34 2.61 1.68 29.80
N VAL B 35 2.29 1.10 28.63
CA VAL B 35 2.78 -0.23 28.22
C VAL B 35 3.86 -0.04 27.18
N LEU B 36 5.00 -0.71 27.39
CA LEU B 36 6.17 -0.62 26.53
C LEU B 36 6.68 -2.04 26.28
N LYS B 37 6.97 -2.35 25.02
CA LYS B 37 7.54 -3.64 24.65
C LYS B 37 8.70 -3.42 23.69
N THR B 38 9.86 -3.99 24.00
CA THR B 38 10.96 -3.91 23.04
C THR B 38 10.68 -4.83 21.86
N ARG B 39 11.51 -4.67 20.83
CA ARG B 39 11.40 -5.53 19.65
C ARG B 39 11.64 -7.00 20.01
N GLN B 40 12.55 -7.24 20.96
CA GLN B 40 12.81 -8.59 21.41
C GLN B 40 11.62 -9.21 22.16
N GLU B 41 10.84 -8.40 22.88
CA GLU B 41 9.67 -9.01 23.52
C GLU B 41 8.41 -8.94 22.66
N LEU B 42 8.39 -8.12 21.61
CA LEU B 42 7.22 -8.08 20.74
C LEU B 42 7.66 -7.63 19.35
N ASP B 43 7.69 -8.57 18.42
CA ASP B 43 8.01 -8.28 17.03
C ASP B 43 6.73 -7.82 16.33
N LEU B 44 6.68 -6.53 16.00
CA LEU B 44 5.45 -5.94 15.48
C LEU B 44 5.12 -6.41 14.06
N VAL B 45 6.07 -7.01 13.34
CA VAL B 45 5.77 -7.62 12.04
C VAL B 45 5.02 -8.96 12.21
N ASN B 46 5.16 -9.62 13.35
CA ASN B 46 4.50 -10.90 13.59
C ASN B 46 3.06 -10.65 14.02
N GLN B 47 2.11 -10.97 13.14
CA GLN B 47 0.70 -10.72 13.43
C GLN B 47 0.24 -11.49 14.67
N GLN B 48 0.73 -12.73 14.84
CA GLN B 48 0.26 -13.55 15.96
C GLN B 48 0.62 -12.92 17.29
N ALA B 49 1.87 -12.46 17.40
CA ALA B 49 2.33 -11.81 18.62
C ALA B 49 1.59 -10.52 18.89
N VAL B 50 1.28 -9.74 17.83
CA VAL B 50 0.61 -8.46 18.06
C VAL B 50 -0.85 -8.68 18.48
N ALA B 51 -1.53 -9.63 17.85
CA ALA B 51 -2.91 -9.93 18.21
C ALA B 51 -2.98 -10.43 19.65
N LYS B 52 -1.98 -11.21 20.07
CA LYS B 52 -1.96 -11.64 21.45
C LYS B 52 -1.73 -10.46 22.40
N PHE B 53 -0.87 -9.53 22.03
CA PHE B 53 -0.56 -8.41 22.93
C PHE B 53 -1.78 -7.53 23.18
N PHE B 54 -2.52 -7.17 22.13
CA PHE B 54 -3.69 -6.32 22.33
C PHE B 54 -4.77 -7.05 23.11
N LYS B 55 -4.97 -8.34 22.80
CA LYS B 55 -5.98 -9.13 23.49
C LYS B 55 -5.66 -9.27 24.97
N GLU B 56 -4.38 -9.38 25.30
CA GLU B 56 -3.99 -9.61 26.67
C GLU B 56 -3.63 -8.33 27.42
N GLU B 57 -3.39 -7.22 26.72
CA GLU B 57 -3.08 -5.95 27.38
C GLU B 57 -4.18 -4.90 27.27
N LYS B 58 -5.01 -4.94 26.24
CA LYS B 58 -6.13 -4.03 26.06
C LYS B 58 -5.77 -2.55 26.31
N PRO B 59 -4.74 -2.04 25.63
CA PRO B 59 -4.40 -0.63 25.79
C PRO B 59 -5.57 0.24 25.31
N GLU B 60 -5.72 1.41 25.94
CA GLU B 60 -6.80 2.33 25.58
C GLU B 60 -6.39 3.31 24.49
N TYR B 61 -5.13 3.70 24.48
CA TYR B 61 -4.61 4.64 23.49
C TYR B 61 -3.31 4.10 22.94
N VAL B 62 -3.03 4.41 21.69
CA VAL B 62 -1.87 3.87 21.02
C VAL B 62 -1.18 5.00 20.27
N PHE B 63 0.14 5.13 20.47
CA PHE B 63 1.02 5.94 19.64
C PHE B 63 1.88 4.98 18.84
N LEU B 64 1.65 4.94 17.54
CA LEU B 64 2.39 4.01 16.67
C LEU B 64 3.60 4.75 16.11
N THR B 65 4.76 4.57 16.73
CA THR B 65 6.00 5.19 16.24
C THR B 65 6.98 4.18 15.66
N ALA B 66 6.69 2.87 15.72
CA ALA B 66 7.61 1.88 15.19
C ALA B 66 7.61 1.93 13.66
N VAL B 67 8.79 1.75 13.08
CA VAL B 67 9.01 1.98 11.66
C VAL B 67 10.34 1.34 11.27
N LEU B 68 10.49 1.01 9.99
CA LEU B 68 11.79 0.80 9.38
C LEU B 68 12.08 2.06 8.56
N PRO B 69 12.83 3.03 9.09
CA PRO B 69 13.04 4.30 8.40
C PRO B 69 13.84 4.17 7.10
N CYS B 70 13.50 5.04 6.15
CA CYS B 70 14.25 5.16 4.90
C CYS B 70 15.30 6.28 5.02
N GLY B 71 16.58 5.90 4.95
CA GLY B 71 17.64 6.87 4.99
C GLY B 71 18.66 6.57 3.89
N ALA B 72 19.62 7.48 3.76
CA ALA B 72 20.63 7.33 2.72
C ALA B 72 21.46 6.07 2.91
N ALA B 73 21.70 5.66 4.16
CA ALA B 73 22.54 4.49 4.40
C ALA B 73 21.84 3.17 4.03
N ASN B 74 20.50 3.10 4.14
CA ASN B 74 19.80 1.83 3.93
C ASN B 74 18.84 1.88 2.74
N VAL B 75 19.08 2.77 1.78
CA VAL B 75 18.17 2.95 0.65
C VAL B 75 18.02 1.66 -0.15
N ALA B 76 18.99 0.75 -0.06
CA ALA B 76 18.92 -0.51 -0.79
C ALA B 76 17.83 -1.44 -0.29
N GLN B 77 17.28 -1.21 0.90
CA GLN B 77 16.31 -2.17 1.43
C GLN B 77 14.90 -1.92 0.91
N ARG B 78 14.77 -1.85 -0.42
CA ARG B 78 13.54 -1.37 -1.05
C ARG B 78 12.36 -2.26 -0.73
N ALA B 79 12.58 -3.58 -0.64
CA ALA B 79 11.49 -4.50 -0.30
C ALA B 79 11.15 -4.44 1.20
N ASP B 80 12.16 -4.36 2.06
CA ASP B 80 11.90 -4.34 3.50
C ASP B 80 11.09 -3.10 3.89
N PHE B 81 11.32 -1.99 3.18
CA PHE B 81 10.61 -0.74 3.47
C PHE B 81 9.11 -0.89 3.32
N ILE B 82 8.65 -1.61 2.30
CA ILE B 82 7.20 -1.69 2.15
C ILE B 82 6.64 -2.86 2.93
N TYR B 83 7.28 -4.04 2.89
CA TYR B 83 6.74 -5.17 3.66
C TYR B 83 6.73 -4.90 5.16
N GLU B 84 7.88 -4.50 5.73
CA GLU B 84 7.92 -4.36 7.19
C GLU B 84 7.03 -3.23 7.68
N ASN B 85 7.01 -2.09 7.00
CA ASN B 85 6.15 -0.99 7.49
C ASN B 85 4.68 -1.30 7.27
N LEU B 86 4.32 -1.96 6.17
CA LEU B 86 2.93 -2.37 5.97
C LEU B 86 2.48 -3.35 7.05
N MET B 87 3.35 -4.27 7.44
CA MET B 87 2.97 -5.25 8.43
C MET B 87 2.82 -4.60 9.80
N ILE B 88 3.77 -3.75 10.18
CA ILE B 88 3.64 -3.02 11.46
C ILE B 88 2.33 -2.23 11.47
N GLN B 89 2.09 -1.45 10.42
CA GLN B 89 0.86 -0.64 10.36
C GLN B 89 -0.38 -1.52 10.39
N ASN B 90 -0.41 -2.57 9.55
CA ASN B 90 -1.56 -3.47 9.50
C ASN B 90 -1.82 -4.13 10.85
N ASN B 91 -0.78 -4.71 11.46
CA ASN B 91 -0.99 -5.46 12.70
C ASN B 91 -1.48 -4.57 13.82
N VAL B 92 -0.85 -3.41 14.00
CA VAL B 92 -1.20 -2.55 15.12
C VAL B 92 -2.57 -1.90 14.91
N ILE B 93 -2.82 -1.36 13.71
CA ILE B 93 -4.08 -0.66 13.45
C ILE B 93 -5.26 -1.62 13.53
N HIS B 94 -5.17 -2.78 12.88
CA HIS B 94 -6.29 -3.71 12.89
C HIS B 94 -6.53 -4.30 14.28
N ASN B 95 -5.47 -4.68 14.99
CA ASN B 95 -5.73 -5.23 16.31
C ASN B 95 -6.11 -4.15 17.33
N SER B 96 -5.79 -2.88 17.08
CA SER B 96 -6.38 -1.81 17.88
C SER B 96 -7.90 -1.79 17.69
N PHE B 97 -8.37 -1.83 16.44
CA PHE B 97 -9.82 -1.88 16.20
C PHE B 97 -10.44 -3.14 16.78
N LEU B 98 -9.73 -4.26 16.68
CA LEU B 98 -10.26 -5.53 17.18
C LEU B 98 -10.45 -5.53 18.69
N ASN B 99 -9.70 -4.70 19.41
CA ASN B 99 -9.74 -4.67 20.86
C ASN B 99 -10.18 -3.33 21.42
N ASN B 100 -10.93 -2.55 20.63
CA ASN B 100 -11.67 -1.38 21.12
C ASN B 100 -10.74 -0.30 21.69
N VAL B 101 -9.58 -0.12 21.05
CA VAL B 101 -8.76 1.04 21.33
C VAL B 101 -9.59 2.30 21.10
N LYS B 102 -9.47 3.27 22.02
CA LYS B 102 -10.25 4.50 21.89
C LYS B 102 -9.66 5.41 20.82
N LYS B 103 -8.34 5.54 20.79
CA LYS B 103 -7.78 6.48 19.86
C LYS B 103 -6.35 6.07 19.60
N LEU B 104 -5.89 6.35 18.39
CA LEU B 104 -4.56 5.98 17.94
C LEU B 104 -3.99 7.14 17.14
N VAL B 105 -2.68 7.32 17.24
CA VAL B 105 -1.97 8.32 16.46
C VAL B 105 -0.87 7.60 15.70
N PHE B 106 -0.84 7.80 14.38
CA PHE B 106 0.14 7.17 13.50
C PHE B 106 0.93 8.28 12.82
N PHE B 107 2.22 8.04 12.62
CA PHE B 107 3.12 9.01 12.01
C PHE B 107 3.39 8.67 10.55
N GLY B 108 2.92 9.55 9.65
CA GLY B 108 3.27 9.51 8.25
C GLY B 108 4.56 10.26 7.94
N SER B 109 4.94 10.20 6.67
CA SER B 109 6.16 10.81 6.17
C SER B 109 5.87 11.67 4.95
N GLY B 110 6.65 12.74 4.77
CA GLY B 110 6.53 13.58 3.59
C GLY B 110 6.92 12.89 2.29
N TYR B 111 7.54 11.71 2.38
CA TYR B 111 7.79 10.92 1.18
C TYR B 111 6.50 10.38 0.56
N MET B 112 5.38 10.42 1.29
CA MET B 112 4.07 10.10 0.70
C MET B 112 3.62 11.10 -0.36
N TYR B 113 4.26 12.31 -0.45
CA TYR B 113 3.79 13.32 -1.39
C TYR B 113 4.58 13.25 -2.69
N PRO B 114 4.00 13.70 -3.80
CA PRO B 114 4.68 13.60 -5.09
C PRO B 114 6.00 14.36 -5.10
N GLU B 115 6.98 13.79 -5.82
CA GLU B 115 8.30 14.41 -5.89
C GLU B 115 8.22 15.83 -6.45
N ASN B 116 7.32 16.06 -7.39
CA ASN B 116 7.22 17.36 -8.03
C ASN B 116 6.05 18.18 -7.51
N ALA B 117 5.49 17.79 -6.37
CA ALA B 117 4.50 18.64 -5.72
C ALA B 117 5.15 19.97 -5.36
N LYS B 118 4.33 21.02 -5.43
CA LYS B 118 4.76 22.34 -4.96
C LYS B 118 5.00 22.35 -3.46
N ASN B 119 6.02 23.07 -3.07
CA ASN B 119 6.20 23.34 -1.64
C ASN B 119 5.69 24.73 -1.30
N PRO B 120 5.19 24.97 -0.07
CA PRO B 120 4.94 23.96 0.96
C PRO B 120 3.86 22.95 0.58
N LEU B 121 4.05 21.70 1.00
CA LEU B 121 3.19 20.59 0.62
C LEU B 121 1.87 20.67 1.40
N LYS B 122 0.76 20.70 0.66
CA LYS B 122 -0.58 20.64 1.24
C LYS B 122 -1.03 19.19 1.39
N GLU B 123 -1.91 18.94 2.37
CA GLU B 123 -2.37 17.56 2.58
C GLU B 123 -3.05 17.00 1.33
N GLU B 124 -3.73 17.82 0.55
CA GLU B 124 -4.43 17.37 -0.65
C GLU B 124 -3.48 17.02 -1.82
N TYR B 125 -2.16 17.16 -1.68
CA TYR B 125 -1.25 16.76 -2.75
C TYR B 125 -1.03 15.25 -2.80
N LEU B 126 -1.61 14.50 -1.86
CA LEU B 126 -1.53 13.04 -1.94
C LEU B 126 -2.07 12.58 -3.27
N PHE B 127 -1.34 11.66 -3.90
CA PHE B 127 -1.66 11.02 -5.17
C PHE B 127 -1.62 11.95 -6.39
N GLN B 128 -1.07 13.15 -6.28
CA GLN B 128 -1.01 14.05 -7.44
C GLN B 128 0.34 13.97 -8.13
N GLY B 129 0.83 12.78 -8.39
CA GLY B 129 2.09 12.60 -9.08
C GLY B 129 2.93 11.52 -8.39
N ASP B 130 3.98 11.12 -9.10
CA ASP B 130 4.80 10.02 -8.63
C ASP B 130 5.74 10.44 -7.51
N LEU B 131 6.16 9.46 -6.73
CA LEU B 131 7.05 9.64 -5.60
C LEU B 131 8.51 9.57 -6.05
N GLU B 132 9.39 10.13 -5.23
CA GLU B 132 10.82 10.07 -5.53
C GLU B 132 11.32 8.63 -5.52
N TYR B 133 12.25 8.32 -6.43
CA TYR B 133 12.60 6.93 -6.69
C TYR B 133 13.19 6.24 -5.46
N GLY B 134 14.04 6.95 -4.72
CA GLY B 134 14.71 6.33 -3.60
C GLY B 134 13.77 5.95 -2.47
N ALA B 135 12.79 6.81 -2.20
CA ALA B 135 11.82 6.63 -1.12
C ALA B 135 10.50 6.03 -1.61
N TYR B 136 10.48 5.48 -2.82
CA TYR B 136 9.23 5.12 -3.48
C TYR B 136 8.45 4.08 -2.68
N SER B 137 9.10 2.98 -2.31
CA SER B 137 8.33 1.93 -1.65
C SER B 137 8.03 2.29 -0.21
N PHE B 138 8.92 3.07 0.44
CA PHE B 138 8.65 3.57 1.79
C PHE B 138 7.47 4.53 1.77
N GLY B 139 7.45 5.44 0.79
CA GLY B 139 6.35 6.38 0.70
C GLY B 139 5.05 5.71 0.35
N ALA B 140 5.10 4.66 -0.47
CA ALA B 140 3.90 3.90 -0.75
C ALA B 140 3.38 3.23 0.51
N ALA B 141 4.27 2.68 1.33
CA ALA B 141 3.85 2.11 2.61
C ALA B 141 3.19 3.15 3.49
N LYS B 142 3.79 4.35 3.56
CA LYS B 142 3.23 5.38 4.43
C LYS B 142 1.90 5.89 3.89
N ILE B 143 1.73 5.92 2.56
CA ILE B 143 0.43 6.24 1.99
C ILE B 143 -0.62 5.26 2.48
N ALA B 144 -0.32 3.95 2.39
CA ALA B 144 -1.29 2.93 2.80
C ALA B 144 -1.59 3.04 4.29
N GLY B 145 -0.61 3.42 5.08
CA GLY B 145 -0.86 3.65 6.50
C GLY B 145 -1.90 4.74 6.73
N ALA B 146 -1.71 5.89 6.07
CA ALA B 146 -2.67 6.97 6.26
C ALA B 146 -4.06 6.61 5.75
N ILE B 147 -4.13 5.85 4.64
CA ILE B 147 -5.43 5.50 4.09
C ILE B 147 -6.13 4.46 4.95
N MET B 148 -5.36 3.54 5.54
CA MET B 148 -6.00 2.58 6.44
C MET B 148 -6.59 3.26 7.67
N CYS B 149 -5.87 4.22 8.29
CA CYS B 149 -6.47 4.93 9.41
C CYS B 149 -7.80 5.55 9.00
N GLU B 150 -7.81 6.27 7.88
CA GLU B 150 -9.03 6.95 7.46
C GLU B 150 -10.12 5.96 7.13
N SER B 151 -9.75 4.82 6.53
CA SER B 151 -10.74 3.84 6.12
C SER B 151 -11.41 3.20 7.33
N TYR B 152 -10.61 2.85 8.36
CA TYR B 152 -11.20 2.33 9.59
C TYR B 152 -12.09 3.37 10.24
N ASN B 153 -11.67 4.63 10.21
CA ASN B 153 -12.51 5.70 10.75
C ASN B 153 -13.84 5.78 10.00
N ILE B 154 -13.81 5.59 8.68
CA ILE B 154 -15.05 5.76 7.90
C ILE B 154 -15.98 4.57 8.10
N GLN B 155 -15.45 3.36 7.92
CA GLN B 155 -16.33 2.19 7.95
C GLN B 155 -16.78 1.88 9.38
N TYR B 156 -15.86 1.99 10.34
CA TYR B 156 -16.09 1.48 11.69
C TYR B 156 -16.20 2.59 12.75
N GLY B 157 -16.03 3.85 12.36
CA GLY B 157 -16.06 4.91 13.36
C GLY B 157 -14.96 4.80 14.39
N THR B 158 -13.79 4.34 14.00
CA THR B 158 -12.62 4.45 14.87
C THR B 158 -12.12 5.89 14.88
N ASN B 159 -11.08 6.14 15.64
CA ASN B 159 -10.52 7.48 15.81
C ASN B 159 -9.00 7.36 15.66
N PHE B 160 -8.55 7.09 14.42
CA PHE B 160 -7.15 6.80 14.11
C PHE B 160 -6.62 7.95 13.27
N ILE B 161 -5.73 8.78 13.84
CA ILE B 161 -5.28 10.01 13.19
C ILE B 161 -3.87 9.82 12.63
N THR B 162 -3.63 10.37 11.45
CA THR B 162 -2.30 10.37 10.84
C THR B 162 -1.71 11.78 10.91
N LEU B 163 -0.55 11.91 11.55
CA LEU B 163 0.24 13.15 11.52
C LEU B 163 1.46 12.90 10.63
N VAL B 164 1.71 13.83 9.69
CA VAL B 164 2.72 13.62 8.66
C VAL B 164 3.85 14.62 8.85
N LEU B 165 5.09 14.14 8.88
CA LEU B 165 6.23 14.99 9.17
C LEU B 165 7.32 14.75 8.13
N ASN B 166 8.27 15.69 8.07
CA ASN B 166 9.46 15.50 7.26
C ASN B 166 10.60 14.96 8.10
N ASN B 167 11.70 15.70 8.26
CA ASN B 167 12.88 15.13 8.91
C ASN B 167 12.76 15.25 10.42
N LEU B 168 13.07 14.17 11.13
CA LEU B 168 13.01 14.10 12.57
C LEU B 168 14.41 14.12 13.16
N TYR B 169 14.57 14.90 14.24
CA TYR B 169 15.72 14.79 15.14
C TYR B 169 15.20 14.94 16.57
N GLY B 170 16.09 14.87 17.54
CA GLY B 170 15.66 15.00 18.93
C GLY B 170 16.84 15.02 19.87
N THR B 171 16.55 15.25 21.16
CA THR B 171 17.63 15.35 22.13
C THR B 171 18.35 14.01 22.29
N LYS B 172 17.61 12.94 22.55
CA LYS B 172 18.19 11.60 22.73
C LYS B 172 18.08 10.80 21.42
N ALA B 173 18.84 11.26 20.43
CA ALA B 173 18.72 10.68 19.09
C ALA B 173 19.59 9.44 18.95
N ASN B 174 19.32 8.67 17.90
CA ASN B 174 20.19 7.57 17.47
C ASN B 174 21.33 8.13 16.61
N PHE B 175 22.57 7.99 17.06
CA PHE B 175 23.72 8.51 16.33
C PHE B 175 24.52 7.41 15.60
N ASP B 176 23.93 6.26 15.33
CA ASP B 176 24.67 5.02 15.09
C ASP B 176 25.01 4.75 13.62
N PHE B 177 24.96 5.75 12.75
CA PHE B 177 25.51 5.66 11.39
C PHE B 177 24.89 4.60 10.49
N GLY B 178 24.51 3.44 11.01
CA GLY B 178 23.79 2.49 10.20
C GLY B 178 22.37 2.92 9.89
N LYS B 179 21.73 3.64 10.82
CA LYS B 179 20.34 4.06 10.67
C LYS B 179 20.12 5.54 10.94
N SER B 180 21.13 6.27 11.43
CA SER B 180 20.91 7.61 11.95
C SER B 180 20.43 8.56 10.86
N ARG B 181 19.48 9.41 11.23
CA ARG B 181 18.91 10.40 10.34
C ARG B 181 19.94 11.51 10.07
N VAL B 182 19.62 12.37 9.11
CA VAL B 182 20.67 13.25 8.59
C VAL B 182 21.15 14.25 9.64
N LEU B 183 20.27 14.71 10.55
CA LEU B 183 20.80 15.71 11.50
C LEU B 183 21.67 15.07 12.57
N PRO B 184 21.22 14.00 13.25
CA PRO B 184 22.14 13.32 14.18
C PRO B 184 23.42 12.82 13.52
N ALA B 185 23.35 12.38 12.27
CA ALA B 185 24.56 11.90 11.60
C ALA B 185 25.55 13.04 11.37
N LEU B 186 25.06 14.20 10.91
CA LEU B 186 25.94 15.35 10.72
C LEU B 186 26.56 15.79 12.03
N LEU B 187 25.80 15.69 13.13
CA LEU B 187 26.30 16.13 14.43
C LEU B 187 27.52 15.31 14.83
N ARG B 188 27.40 13.99 14.70
CA ARG B 188 28.49 13.09 15.05
C ARG B 188 29.69 13.25 14.12
N LYS B 189 29.44 13.53 12.84
CA LYS B 189 30.53 13.73 11.89
C LYS B 189 31.38 14.92 12.28
N PHE B 190 30.75 16.08 12.53
CA PHE B 190 31.54 17.26 12.87
C PHE B 190 32.23 17.10 14.22
N HIS B 191 31.57 16.43 15.17
CA HIS B 191 32.20 16.18 16.47
C HIS B 191 33.45 15.34 16.30
N LEU B 192 33.34 14.23 15.55
CA LEU B 192 34.49 13.37 15.26
C LEU B 192 35.57 14.11 14.49
N ALA B 193 35.18 14.92 13.50
CA ALA B 193 36.19 15.68 12.79
C ALA B 193 36.86 16.68 13.71
N LYS B 194 36.12 17.20 14.70
CA LYS B 194 36.75 18.12 15.66
C LYS B 194 37.78 17.39 16.50
N LEU B 195 37.46 16.18 16.96
CA LEU B 195 38.42 15.41 17.74
C LEU B 195 39.64 15.06 16.92
N LEU B 196 39.42 14.75 15.63
CA LEU B 196 40.53 14.43 14.75
C LEU B 196 41.43 15.63 14.56
N SER B 197 40.86 16.83 14.39
CA SER B 197 41.70 18.02 14.22
C SER B 197 42.47 18.33 15.48
N GLU B 198 41.90 18.05 16.65
CA GLU B 198 42.59 18.24 17.92
C GLU B 198 43.58 17.12 18.24
N GLY B 199 43.55 16.01 17.49
CA GLY B 199 44.52 14.97 17.69
C GLY B 199 44.28 14.03 18.86
N ASN B 200 43.12 14.03 19.50
CA ASN B 200 42.98 13.12 20.62
C ASN B 200 42.46 11.77 20.11
N ILE B 201 43.43 10.92 19.81
CA ILE B 201 43.19 9.56 19.37
C ILE B 201 42.31 8.81 20.36
N THR B 202 42.58 8.97 21.67
CA THR B 202 41.91 8.12 22.65
C THR B 202 40.41 8.37 22.63
N GLN B 203 39.99 9.63 22.56
CA GLN B 203 38.56 9.90 22.57
C GLN B 203 37.88 9.43 21.28
N ILE B 204 38.60 9.44 20.17
CA ILE B 204 38.03 8.92 18.94
C ILE B 204 37.79 7.42 19.08
N LEU B 205 38.76 6.69 19.67
CA LEU B 205 38.58 5.26 19.84
C LEU B 205 37.41 4.96 20.76
N GLN B 206 37.19 5.81 21.76
CA GLN B 206 36.08 5.60 22.69
C GLN B 206 34.75 5.90 22.04
N ASP B 207 34.67 6.98 21.26
CA ASP B 207 33.42 7.30 20.58
C ASP B 207 33.04 6.24 19.56
N LEU B 208 34.02 5.76 18.79
CA LEU B 208 33.78 4.73 17.79
C LEU B 208 33.71 3.32 18.37
N LYS B 209 34.11 3.13 19.63
CA LYS B 209 34.16 1.80 20.25
C LYS B 209 35.09 0.88 19.46
N MET B 210 36.30 1.37 19.19
CA MET B 210 37.30 0.65 18.41
C MET B 210 38.61 0.65 19.18
N ASN B 211 39.45 -0.36 18.94
CA ASN B 211 40.72 -0.44 19.63
C ASN B 211 41.89 -0.47 18.65
N ASN B 212 41.68 -0.03 17.42
CA ASN B 212 42.75 0.11 16.45
C ASN B 212 42.56 1.43 15.70
N PHE B 213 43.54 2.32 15.79
CA PHE B 213 43.39 3.64 15.22
C PHE B 213 43.49 3.62 13.69
N GLU B 214 44.26 2.70 13.12
CA GLU B 214 44.30 2.61 11.66
C GLU B 214 42.94 2.21 11.10
N GLU B 215 42.25 1.27 11.77
CA GLU B 215 40.86 0.98 11.40
C GLU B 215 39.95 2.16 11.65
N ALA B 216 40.17 2.91 12.74
CA ALA B 216 39.32 4.05 13.03
C ALA B 216 39.42 5.10 11.93
N LYS B 217 40.65 5.44 11.52
CA LYS B 217 40.85 6.46 10.50
C LYS B 217 40.27 6.03 9.16
N GLU B 218 40.36 4.75 8.83
CA GLU B 218 39.75 4.27 7.59
C GLU B 218 38.24 4.42 7.64
N TYR B 219 37.64 4.12 8.79
CA TYR B 219 36.20 4.23 8.98
C TYR B 219 35.73 5.68 8.86
N LEU B 220 36.47 6.61 9.47
CA LEU B 220 36.11 8.02 9.40
C LEU B 220 36.23 8.55 7.98
N HIS B 221 37.31 8.20 7.28
CA HIS B 221 37.47 8.69 5.92
C HIS B 221 36.34 8.20 5.03
N ASN B 222 35.93 6.95 5.21
CA ASN B 222 34.86 6.39 4.38
C ASN B 222 33.53 7.09 4.64
N PHE B 223 33.33 7.62 5.84
CA PHE B 223 32.17 8.43 6.16
C PHE B 223 32.40 9.92 5.91
N GLY B 224 33.54 10.27 5.32
CA GLY B 224 33.81 11.64 4.93
C GLY B 224 34.30 12.57 6.02
N ILE B 225 34.91 12.01 7.07
CA ILE B 225 35.34 12.75 8.26
C ILE B 225 36.85 12.87 8.23
N SER B 226 37.36 14.11 8.29
CA SER B 226 38.79 14.38 8.24
C SER B 226 39.10 15.55 9.17
N LYS B 227 40.40 15.76 9.41
CA LYS B 227 40.82 16.87 10.28
C LYS B 227 40.38 18.22 9.73
N LYS B 228 40.34 18.37 8.41
CA LYS B 228 40.09 19.68 7.82
C LYS B 228 38.74 19.80 7.13
N SER B 229 37.94 18.73 7.09
CA SER B 229 36.66 18.86 6.40
C SER B 229 35.73 17.72 6.75
N VAL B 230 34.43 18.00 6.62
CA VAL B 230 33.37 17.01 6.57
C VAL B 230 32.74 17.07 5.18
N GLU B 231 32.66 15.94 4.51
CA GLU B 231 32.02 15.95 3.21
C GLU B 231 30.59 15.43 3.33
N ILE B 232 29.73 15.90 2.44
CA ILE B 232 28.37 15.42 2.37
C ILE B 232 28.07 15.01 0.94
N TRP B 233 27.39 13.88 0.79
CA TRP B 233 27.11 13.31 -0.53
C TRP B 233 25.82 13.95 -1.03
N GLY B 234 25.95 14.77 -2.06
CA GLY B 234 24.86 15.59 -2.53
C GLY B 234 25.38 16.97 -2.89
N THR B 235 24.51 17.78 -3.47
CA THR B 235 24.87 19.14 -3.81
C THR B 235 24.83 20.08 -2.60
N GLY B 236 24.13 19.70 -1.53
CA GLY B 236 23.92 20.62 -0.43
C GLY B 236 22.84 21.65 -0.69
N LYS B 237 22.21 21.62 -1.87
CA LYS B 237 21.25 22.65 -2.24
C LYS B 237 19.82 22.29 -1.88
N VAL B 238 19.50 21.00 -1.76
CA VAL B 238 18.14 20.59 -1.46
C VAL B 238 17.71 21.16 -0.12
N ARG B 239 16.45 21.56 -0.02
CA ARG B 239 15.96 22.23 1.19
C ARG B 239 15.02 21.27 1.93
N ARG B 240 15.23 21.16 3.25
CA ARG B 240 14.46 20.20 4.04
C ARG B 240 14.00 20.85 5.33
N GLU B 241 12.88 20.34 5.84
CA GLU B 241 12.28 20.79 7.09
C GLU B 241 12.54 19.74 8.16
N PHE B 242 12.93 20.21 9.35
CA PHE B 242 13.21 19.34 10.47
C PHE B 242 12.24 19.66 11.59
N ILE B 243 11.92 18.64 12.40
CA ILE B 243 11.13 18.86 13.61
C ILE B 243 11.81 18.10 14.75
N HIS B 244 11.96 18.78 15.89
CA HIS B 244 12.52 18.17 17.09
C HIS B 244 11.49 17.23 17.73
N SER B 245 11.96 16.12 18.31
CA SER B 245 11.02 15.11 18.79
C SER B 245 10.21 15.57 20.00
N ASP B 246 10.68 16.57 20.75
CA ASP B 246 9.84 17.11 21.82
C ASP B 246 8.61 17.82 21.26
N ASP B 247 8.77 18.51 20.12
CA ASP B 247 7.64 19.12 19.42
C ASP B 247 6.74 18.04 18.83
N LEU B 248 7.34 16.99 18.27
CA LEU B 248 6.54 15.86 17.80
C LEU B 248 5.70 15.30 18.95
N ALA B 249 6.33 15.08 20.10
CA ALA B 249 5.60 14.54 21.23
C ALA B 249 4.49 15.51 21.63
N ASP B 250 4.79 16.79 21.66
CA ASP B 250 3.78 17.76 22.04
C ASP B 250 2.56 17.70 21.10
N VAL B 251 2.79 17.71 19.78
CA VAL B 251 1.63 17.72 18.88
C VAL B 251 0.92 16.37 18.85
N ALA B 252 1.66 15.27 19.05
CA ALA B 252 1.01 13.97 19.17
C ALA B 252 0.10 13.93 20.39
N ILE B 253 0.58 14.48 21.51
CA ILE B 253 -0.26 14.48 22.70
C ILE B 253 -1.41 15.48 22.52
N TYR B 254 -1.13 16.63 21.91
CA TYR B 254 -2.19 17.60 21.65
C TYR B 254 -3.26 17.01 20.73
N THR B 255 -2.84 16.25 19.73
CA THR B 255 -3.81 15.62 18.84
C THR B 255 -4.67 14.61 19.58
N MET B 256 -4.04 13.78 20.43
CA MET B 256 -4.79 12.81 21.19
C MET B 256 -5.85 13.48 22.07
N GLN B 257 -5.50 14.63 22.66
CA GLN B 257 -6.39 15.32 23.57
C GLN B 257 -7.48 16.11 22.86
N ASN B 258 -7.22 16.62 21.66
CA ASN B 258 -8.10 17.66 21.11
C ASN B 258 -8.64 17.39 19.71
N ILE B 259 -7.94 16.62 18.89
CA ILE B 259 -8.26 16.50 17.48
C ILE B 259 -8.88 15.14 17.21
N ASP B 260 -10.15 15.13 16.80
CA ASP B 260 -10.88 13.90 16.53
C ASP B 260 -11.22 13.77 15.06
N PHE B 261 -11.43 12.53 14.62
CA PHE B 261 -11.74 12.30 13.21
C PHE B 261 -12.96 13.09 12.79
N LYS B 262 -13.96 13.21 13.67
CA LYS B 262 -15.16 13.96 13.33
C LYS B 262 -14.87 15.44 13.09
N ASP B 263 -13.78 15.97 13.67
CA ASP B 263 -13.40 17.34 13.39
C ASP B 263 -12.79 17.48 11.99
N LEU B 264 -12.30 16.40 11.41
CA LEU B 264 -11.50 16.46 10.19
C LEU B 264 -12.29 16.29 8.89
N ILE B 265 -13.58 16.03 8.95
CA ILE B 265 -14.31 15.65 7.74
C ILE B 265 -15.20 16.81 7.32
N LYS B 266 -15.03 17.24 6.06
CA LYS B 266 -15.91 18.22 5.43
C LYS B 266 -17.04 17.46 4.76
N ASP B 267 -18.01 17.05 5.60
CA ASP B 267 -19.19 16.26 5.22
C ASP B 267 -18.86 15.13 4.26
N ARG B 268 -19.47 15.18 3.07
CA ARG B 268 -19.28 14.13 2.08
C ARG B 268 -17.83 14.03 1.62
N LYS B 269 -17.08 15.13 1.65
CA LYS B 269 -15.68 15.10 1.20
C LYS B 269 -14.77 14.71 2.37
N SER B 270 -14.89 13.46 2.78
CA SER B 270 -13.95 12.85 3.74
C SER B 270 -12.89 12.11 2.94
N LYS B 271 -11.80 12.82 2.67
CA LYS B 271 -10.56 12.25 2.18
C LYS B 271 -9.50 13.26 2.55
N ASN B 272 -8.24 12.82 2.51
CA ASN B 272 -7.13 13.66 2.93
C ASN B 272 -7.34 14.19 4.36
N THR B 273 -7.73 13.29 5.24
CA THR B 273 -7.92 13.62 6.65
C THR B 273 -6.64 13.41 7.47
N HIS B 274 -5.52 13.11 6.81
CA HIS B 274 -4.21 13.22 7.44
C HIS B 274 -3.86 14.69 7.69
N ILE B 275 -2.97 14.94 8.64
CA ILE B 275 -2.59 16.30 9.03
C ILE B 275 -1.07 16.44 8.97
N ASN B 276 -0.58 17.45 8.25
CA ASN B 276 0.85 17.75 8.29
C ASN B 276 1.22 18.36 9.64
N ILE B 277 2.40 17.98 10.14
CA ILE B 277 3.01 18.66 11.28
C ILE B 277 4.42 19.05 10.87
N GLY B 278 4.96 20.07 11.54
CA GLY B 278 6.26 20.59 11.16
C GLY B 278 6.52 21.92 11.85
N THR B 279 7.60 22.57 11.44
CA THR B 279 7.98 23.88 11.96
C THR B 279 7.76 25.02 10.97
N GLY B 280 7.36 24.75 9.73
CA GLY B 280 7.06 25.79 8.79
C GLY B 280 8.27 26.49 8.19
N ILE B 281 9.48 26.03 8.48
CA ILE B 281 10.70 26.65 7.98
C ILE B 281 11.58 25.57 7.38
N ASP B 282 12.22 25.93 6.26
CA ASP B 282 13.16 25.19 5.42
C ASP B 282 14.61 25.53 5.73
N TYR B 283 15.50 24.54 5.53
CA TYR B 283 16.94 24.80 5.47
C TYR B 283 17.58 23.94 4.38
N SER B 284 18.50 24.53 3.62
CA SER B 284 19.31 23.71 2.73
C SER B 284 20.23 22.83 3.56
N ILE B 285 20.60 21.67 3.01
CA ILE B 285 21.52 20.81 3.75
C ILE B 285 22.80 21.55 4.06
N LYS B 286 23.22 22.46 3.16
CA LYS B 286 24.37 23.31 3.44
C LYS B 286 24.11 24.18 4.67
N GLU B 287 22.93 24.81 4.75
CA GLU B 287 22.67 25.67 5.91
C GLU B 287 22.68 24.86 7.19
N VAL B 288 22.10 23.66 7.15
CA VAL B 288 22.06 22.84 8.37
C VAL B 288 23.46 22.46 8.79
N ALA B 289 24.30 22.09 7.82
CA ALA B 289 25.62 21.58 8.14
C ALA B 289 26.49 22.64 8.79
N LEU B 290 26.47 23.90 8.31
CA LEU B 290 27.39 24.78 9.02
C LEU B 290 26.78 25.36 10.29
N MET B 291 25.46 25.26 10.46
CA MET B 291 24.88 25.49 11.78
C MET B 291 25.37 24.45 12.77
N VAL B 292 25.38 23.17 12.35
CA VAL B 292 25.98 22.11 13.15
C VAL B 292 27.45 22.39 13.37
N LYS B 293 28.14 22.80 12.31
CA LYS B 293 29.58 23.01 12.39
C LYS B 293 29.92 24.08 13.42
N ASN B 294 29.12 25.15 13.45
CA ASN B 294 29.41 26.23 14.40
C ASN B 294 29.04 25.84 15.82
N ILE B 295 28.03 24.99 16.00
CA ILE B 295 27.66 24.58 17.35
C ILE B 295 28.70 23.63 17.94
N VAL B 296 29.23 22.69 17.15
CA VAL B 296 30.29 21.84 17.69
C VAL B 296 31.64 22.55 17.71
N GLY B 297 31.80 23.63 16.94
CA GLY B 297 33.05 24.34 16.92
C GLY B 297 34.12 23.77 16.02
N PHE B 298 33.77 22.95 15.05
CA PHE B 298 34.76 22.41 14.12
C PHE B 298 35.36 23.54 13.27
N SER B 299 36.69 23.53 13.13
CA SER B 299 37.43 24.57 12.43
C SER B 299 37.46 24.41 10.92
N GLY B 300 37.09 23.25 10.39
CA GLY B 300 37.29 22.94 8.99
C GLY B 300 36.14 23.38 8.11
N GLU B 301 36.14 22.87 6.89
CA GLU B 301 35.26 23.30 5.82
C GLU B 301 34.31 22.18 5.44
N LEU B 302 33.19 22.56 4.83
CA LEU B 302 32.33 21.63 4.12
C LEU B 302 32.94 21.28 2.76
N VAL B 303 32.64 20.07 2.30
CA VAL B 303 32.97 19.66 0.93
C VAL B 303 31.80 18.83 0.39
N PHE B 304 31.41 19.11 -0.84
CA PHE B 304 30.27 18.43 -1.46
C PHE B 304 30.73 17.52 -2.58
N ASN B 305 30.23 16.28 -2.58
CA ASN B 305 30.50 15.28 -3.61
C ASN B 305 29.25 15.08 -4.45
N THR B 306 29.33 15.40 -5.74
CA THR B 306 28.14 15.66 -6.56
C THR B 306 27.30 14.42 -6.78
N SER B 307 27.91 13.26 -7.02
CA SER B 307 27.17 12.00 -7.17
C SER B 307 26.21 11.94 -8.37
N ARG B 308 26.05 10.75 -8.94
CA ARG B 308 25.30 10.60 -10.18
C ARG B 308 23.83 11.02 -10.08
N PRO B 309 23.01 10.55 -9.10
CA PRO B 309 21.60 10.94 -9.09
C PRO B 309 21.11 11.49 -7.75
N ASP B 310 21.39 12.76 -7.48
CA ASP B 310 21.00 13.37 -6.21
C ASP B 310 19.50 13.70 -6.20
N SER B 311 19.00 13.99 -4.99
CA SER B 311 17.57 14.03 -4.72
C SER B 311 16.86 15.13 -5.51
N THR B 312 17.34 16.37 -5.40
CA THR B 312 16.77 17.56 -6.04
C THR B 312 15.34 17.88 -5.56
N MET B 313 14.79 17.09 -4.64
CA MET B 313 13.42 17.29 -4.15
C MET B 313 13.46 17.99 -2.79
N ASP B 314 12.81 19.15 -2.71
CA ASP B 314 12.59 19.80 -1.43
C ASP B 314 11.39 19.20 -0.70
N ARG B 315 11.41 19.30 0.62
CA ARG B 315 10.31 18.85 1.48
C ARG B 315 10.04 19.93 2.52
N LEU B 316 8.87 20.57 2.44
CA LEU B 316 8.43 21.56 3.44
C LEU B 316 6.92 21.44 3.58
N MET B 317 6.43 21.14 4.78
CA MET B 317 4.99 21.05 4.98
C MET B 317 4.33 22.42 4.97
N ASP B 318 3.14 22.48 4.38
CA ASP B 318 2.19 23.54 4.71
C ASP B 318 1.45 23.14 5.99
N CYS B 319 1.64 23.91 7.07
CA CYS B 319 1.08 23.55 8.38
C CYS B 319 -0.21 24.32 8.69
N SER B 320 -0.87 24.89 7.68
CA SER B 320 -2.07 25.68 7.94
C SER B 320 -3.14 24.84 8.65
N LYS B 321 -3.21 23.54 8.36
CA LYS B 321 -4.28 22.75 8.94
C LYS B 321 -4.06 22.53 10.44
N ILE B 322 -2.87 22.06 10.83
CA ILE B 322 -2.60 21.86 12.25
C ILE B 322 -2.57 23.21 12.99
N HIS B 323 -2.11 24.28 12.33
CA HIS B 323 -2.13 25.59 12.97
C HIS B 323 -3.54 26.03 13.28
N SER B 324 -4.47 25.79 12.35
CA SER B 324 -5.86 26.16 12.61
C SER B 324 -6.48 25.27 13.68
N LEU B 325 -5.98 24.05 13.82
CA LEU B 325 -6.46 23.12 14.84
C LEU B 325 -5.85 23.41 16.21
N GLY B 326 -4.95 24.36 16.30
CA GLY B 326 -4.53 24.90 17.58
C GLY B 326 -3.16 24.47 18.07
N TRP B 327 -2.26 24.05 17.18
CA TRP B 327 -0.92 23.71 17.61
C TRP B 327 0.11 24.33 16.69
N LYS B 328 1.19 24.86 17.28
CA LYS B 328 2.35 25.37 16.55
C LYS B 328 3.61 24.87 17.25
N HIS B 329 4.68 24.75 16.50
CA HIS B 329 5.95 24.27 17.04
C HIS B 329 6.56 25.32 17.98
N LYS B 330 7.46 24.86 18.87
CA LYS B 330 8.19 25.77 19.76
C LYS B 330 9.71 25.75 19.58
N ILE B 331 10.28 24.73 18.98
CA ILE B 331 11.72 24.51 19.05
C ILE B 331 12.32 24.83 17.68
N GLU B 332 13.00 25.98 17.60
CA GLU B 332 13.74 26.34 16.40
C GLU B 332 15.00 25.48 16.26
N LEU B 333 15.49 25.37 15.02
CA LEU B 333 16.52 24.39 14.68
C LEU B 333 17.79 24.60 15.48
N LYS B 334 18.24 25.86 15.63
CA LYS B 334 19.51 26.09 16.30
C LYS B 334 19.43 25.67 17.76
N ASP B 335 18.29 25.92 18.40
CA ASP B 335 18.10 25.49 19.78
C ASP B 335 18.02 23.97 19.89
N GLY B 336 17.39 23.32 18.91
CA GLY B 336 17.24 21.87 19.00
C GLY B 336 18.56 21.15 18.79
N ILE B 337 19.41 21.67 17.89
CA ILE B 337 20.71 21.06 17.70
C ILE B 337 21.56 21.22 18.95
N LYS B 338 21.43 22.36 19.66
CA LYS B 338 22.22 22.51 20.87
C LYS B 338 21.74 21.56 21.96
N MET B 339 20.42 21.33 22.04
CA MET B 339 19.91 20.36 22.99
C MET B 339 20.46 18.98 22.68
N MET B 340 20.47 18.59 21.39
CA MET B 340 20.94 17.29 21.00
C MET B 340 22.43 17.13 21.29
N TYR B 341 23.23 18.19 21.03
CA TYR B 341 24.66 18.10 21.24
C TYR B 341 25.02 17.99 22.72
N GLU B 342 24.28 18.68 23.59
CA GLU B 342 24.56 18.56 25.01
C GLU B 342 24.29 17.14 25.51
N TRP B 343 23.21 16.51 25.04
CA TRP B 343 23.00 15.11 25.40
C TRP B 343 24.09 14.22 24.82
N TYR B 344 24.59 14.56 23.62
CA TYR B 344 25.55 13.69 22.96
C TYR B 344 26.83 13.56 23.78
N LYS B 345 27.37 14.68 24.28
CA LYS B 345 28.62 14.58 25.03
C LYS B 345 28.41 13.95 26.39
N THR B 346 27.16 13.95 26.86
CA THR B 346 26.78 13.20 28.06
C THR B 346 26.97 11.69 27.85
N GLN B 347 26.75 11.20 26.62
CA GLN B 347 26.95 9.80 26.30
C GLN B 347 28.40 9.48 25.94
N ASN B 348 29.23 10.49 25.75
CA ASN B 348 30.59 10.30 25.25
C ASN B 348 31.57 11.29 25.88
#